data_2CHW
#
_entry.id   2CHW
#
_cell.length_a   143.804
_cell.length_b   67.523
_cell.length_c   106.311
_cell.angle_alpha   90.00
_cell.angle_beta   95.45
_cell.angle_gamma   90.00
#
_symmetry.space_group_name_H-M   'C 1 2 1'
#
loop_
_entity.id
_entity.type
_entity.pdbx_description
1 polymer 'PHOSPHATIDYLINOSITOL-4,5-BISPHOSPHATE 3-KINASE CATALYTIC SUBUNIT GAMMA ISOFORM'
2 non-polymer 2-((9H-PURIN-6-YLTHIO)METHYL)-5-CHLORO-3-(2-METHOXYPHENYL)QUINAZOLIN-4(3H)-ONE
3 water water
#
_entity_poly.entity_id   1
_entity_poly.type   'polypeptide(L)'
_entity_poly.pdbx_seq_one_letter_code
;MSEESQAFQRQLTALIGYDVTDVSNVHDDELEFTRRGLVTPRMAEVASRDPKLYAMHPWVTSKPLPEYLWKKIANNCIFI
VIHRSTTSQTIKVSPDDTPGAILQSFFTKMAKKKSLMDIPESQSEQDFVLRVCGRDEYLVGETPIKNFQWVRHCLKNGEE
IHVVLDTPPDPALDEVRKEEWPLVDDCTGVTGYHEQLTIHGKDHESVFTVSLWDCDRKFRVKIRGIDIPVLPRNTDLTVF
VEANIQHGQQVLCQRRTSPKPFTEEVLWNVWLEFSIKIKDLPKGALLNLQIYCGKAPALSSKASAESPSSESKGKVRLLY
YVNLLLIDHRFLLRRGEYVLHMWQISGKGEDQGSFNADKLTSATNPDKENSMSISILLDNYCHPIALPKHQPTPDPEGDR
VRAEMPNQLRKQLEAIIATDPLNPLTAEDKELLWHFRYESLKHPKAYPKLFSSVKWGQQEIVAKTYQLLARREVWDQSAL
DVGLTMQLLDCNFSDENVRAIAVQKLESLEDDDVLHYLLQLVQAVKFEPYHDSALARFLLKRGLRNKRIGHFLFWFLRSE
IAQSRHYQQRFAVILEAYLRGCGTAMLHDFTQQVQVIEMLQKVTLDIKSLSAEKYDVSSQVISQLKQKLENLQNSQLPES
FRVPYDPGLKAGALAIEKCKVMASKKKPLWLEFKCADPTALSNETIGIIFKHGDDLRQDMLILQILRIMESIWETESLDL
CLLPYGCISTGDKIGMIEIVKDATTIAKIQQSTVGNTGAFKDEVLNHWLKEKSPTEEKFQAAVERFVYSCAGYCVATFVL
GIGDRHNDNIMITETGNLFHIDFGHILGNYKSFLGINKERVPFVLTPDFLFVMGTSGKKTSPHFQKFQDICVKAYLALRH
HTNLLIILFSMMLMTGMPQLTSKEDIEYIRDALTVGKNEEDAKKYFLDQIEVCRDKGWTVQFNWFLHLVLGIKQGEKHSA
HHHHHH
;
_entity_poly.pdbx_strand_id   A
#
loop_
_chem_comp.id
_chem_comp.type
_chem_comp.name
_chem_comp.formula
039 non-polymer 2-((9H-PURIN-6-YLTHIO)METHYL)-5-CHLORO-3-(2-METHOXYPHENYL)QUINAZOLIN-4(3H)-ONE 'C21 H15 Cl N6 O2 S'
#
# COMPACT_ATOMS: atom_id res chain seq x y z
N SER A 2 36.90 -8.08 -0.68
CA SER A 2 37.15 -9.15 -1.70
C SER A 2 36.62 -8.76 -3.08
N GLU A 3 37.28 -9.28 -4.12
CA GLU A 3 36.95 -8.97 -5.51
C GLU A 3 35.49 -9.31 -5.87
N GLU A 4 35.05 -10.51 -5.51
CA GLU A 4 33.70 -10.98 -5.82
C GLU A 4 32.65 -10.03 -5.27
N SER A 5 32.86 -9.59 -4.03
CA SER A 5 31.89 -8.77 -3.30
C SER A 5 31.75 -7.34 -3.83
N GLN A 6 32.77 -6.90 -4.57
CA GLN A 6 32.74 -5.60 -5.22
C GLN A 6 31.79 -5.64 -6.43
N ALA A 7 31.89 -6.69 -7.23
CA ALA A 7 30.98 -6.96 -8.35
C ALA A 7 29.55 -7.28 -7.90
N PHE A 8 29.43 -7.97 -6.75
CA PHE A 8 28.15 -8.33 -6.15
C PHE A 8 27.41 -7.08 -5.66
N GLN A 9 28.18 -6.04 -5.34
CA GLN A 9 27.62 -4.78 -4.96
C GLN A 9 27.05 -4.08 -6.20
N ARG A 10 27.70 -4.31 -7.34
CA ARG A 10 27.25 -3.77 -8.63
C ARG A 10 25.86 -4.33 -8.94
N GLN A 11 25.71 -5.61 -8.59
CA GLN A 11 24.49 -6.37 -8.74
C GLN A 11 23.42 -5.67 -7.93
N LEU A 12 23.58 -5.76 -6.61
CA LEU A 12 22.73 -5.05 -5.69
C LEU A 12 22.33 -3.64 -6.13
N THR A 13 23.24 -2.90 -6.76
CA THR A 13 22.93 -1.54 -7.17
C THR A 13 21.93 -1.48 -8.32
N ALA A 14 22.10 -2.35 -9.31
CA ALA A 14 21.23 -2.31 -10.49
C ALA A 14 19.87 -2.91 -10.18
N LEU A 15 19.85 -3.86 -9.24
CA LEU A 15 18.63 -4.41 -8.71
C LEU A 15 17.86 -3.36 -7.94
N ILE A 16 18.59 -2.60 -7.10
CA ILE A 16 17.99 -1.61 -6.18
C ILE A 16 17.56 -0.34 -6.93
N GLY A 17 18.36 0.05 -7.93
CA GLY A 17 18.13 1.27 -8.70
C GLY A 17 18.64 2.52 -8.00
N TYR A 18 19.49 2.32 -7.00
CA TYR A 18 20.18 3.40 -6.28
C TYR A 18 21.42 2.84 -5.56
N ASP A 19 22.44 3.68 -5.43
CA ASP A 19 23.74 3.26 -4.93
C ASP A 19 23.97 3.66 -3.47
N VAL A 20 23.95 2.67 -2.57
CA VAL A 20 23.98 2.92 -1.12
C VAL A 20 25.37 2.96 -0.50
N THR A 21 26.39 2.96 -1.34
CA THR A 21 27.79 3.09 -0.88
C THR A 21 28.25 4.52 -1.19
N ASP A 22 27.58 5.11 -2.17
CA ASP A 22 27.61 6.53 -2.42
C ASP A 22 27.45 7.24 -1.08
N VAL A 23 28.31 8.21 -0.79
CA VAL A 23 28.16 9.00 0.44
C VAL A 23 28.28 10.50 0.09
N SER A 24 27.73 10.85 -1.07
CA SER A 24 27.79 12.21 -1.58
C SER A 24 26.76 13.09 -0.91
N ASN A 25 25.56 12.55 -0.73
CA ASN A 25 24.45 13.32 -0.17
C ASN A 25 24.27 13.07 1.32
N VAL A 26 25.36 13.17 2.08
CA VAL A 26 25.31 12.86 3.51
C VAL A 26 26.04 13.90 4.36
N HIS A 27 25.62 14.06 5.61
CA HIS A 27 26.28 14.98 6.53
C HIS A 27 26.54 14.31 7.88
N ASP A 28 26.41 12.99 7.91
CA ASP A 28 26.75 12.14 9.05
C ASP A 28 26.73 10.72 8.54
N ASP A 29 26.84 9.73 9.42
CA ASP A 29 26.96 8.34 8.96
C ASP A 29 25.78 7.41 9.31
N GLU A 30 24.55 7.94 9.31
CA GLU A 30 23.38 7.19 9.79
C GLU A 30 23.19 5.95 8.91
N LEU A 31 23.00 6.19 7.62
CA LEU A 31 22.87 5.12 6.64
C LEU A 31 23.90 4.01 6.82
N GLU A 32 25.18 4.36 7.01
CA GLU A 32 26.22 3.36 7.10
C GLU A 32 26.16 2.55 8.38
N PHE A 33 25.88 3.25 9.48
CA PHE A 33 25.65 2.65 10.78
C PHE A 33 24.48 1.68 10.65
N THR A 34 23.43 2.11 9.94
CA THR A 34 22.26 1.27 9.69
C THR A 34 22.51 0.04 8.80
N ARG A 35 23.26 0.20 7.71
CA ARG A 35 23.63 -0.95 6.89
C ARG A 35 24.31 -1.98 7.78
N ARG A 36 25.11 -1.51 8.73
CA ARG A 36 25.80 -2.40 9.66
C ARG A 36 24.86 -2.87 10.77
N GLY A 37 23.85 -2.06 11.08
CA GLY A 37 22.89 -2.45 12.11
C GLY A 37 21.96 -3.56 11.65
N LEU A 38 21.70 -3.61 10.35
CA LEU A 38 20.71 -4.52 9.84
C LEU A 38 21.28 -5.93 9.62
N VAL A 39 22.60 -6.05 9.78
CA VAL A 39 23.30 -7.30 9.51
C VAL A 39 22.85 -8.38 10.51
N THR A 40 22.91 -8.02 11.78
CA THR A 40 22.51 -8.92 12.86
C THR A 40 21.11 -9.50 12.65
N PRO A 41 20.07 -8.64 12.57
CA PRO A 41 18.73 -9.18 12.46
C PRO A 41 18.50 -9.99 11.20
N ARG A 42 19.26 -9.71 10.14
CA ARG A 42 19.17 -10.51 8.91
C ARG A 42 19.74 -11.89 9.13
N MET A 43 21.03 -11.95 9.46
CA MET A 43 21.72 -13.20 9.68
C MET A 43 20.91 -14.04 10.65
N ALA A 44 20.29 -13.38 11.63
CA ALA A 44 19.38 -14.01 12.58
C ALA A 44 18.24 -14.79 11.92
N GLU A 45 17.48 -14.13 11.04
CA GLU A 45 16.35 -14.79 10.41
C GLU A 45 16.81 -15.76 9.33
N VAL A 46 17.90 -15.41 8.66
CA VAL A 46 18.58 -16.32 7.74
C VAL A 46 19.05 -17.58 8.49
N ALA A 47 19.45 -17.41 9.75
CA ALA A 47 19.82 -18.54 10.57
C ALA A 47 18.59 -19.30 11.06
N SER A 48 17.43 -18.65 11.02
CA SER A 48 16.24 -19.15 11.69
C SER A 48 15.28 -19.98 10.82
N ARG A 49 15.14 -19.61 9.54
CA ARG A 49 14.10 -20.19 8.69
C ARG A 49 14.35 -21.64 8.32
N ASP A 50 13.26 -22.38 8.10
CA ASP A 50 13.29 -23.78 7.69
C ASP A 50 13.49 -23.83 6.18
N PRO A 51 14.70 -24.26 5.73
CA PRO A 51 15.07 -24.17 4.32
C PRO A 51 14.00 -24.78 3.38
N LYS A 52 13.43 -25.90 3.81
CA LYS A 52 12.41 -26.66 3.05
C LYS A 52 11.13 -25.88 2.89
N LEU A 53 10.56 -25.43 4.00
CA LEU A 53 9.33 -24.62 3.99
C LEU A 53 9.56 -23.26 3.32
N TYR A 54 10.76 -22.69 3.50
CA TYR A 54 11.13 -21.45 2.84
C TYR A 54 11.11 -21.57 1.31
N ALA A 55 11.67 -22.65 0.79
CA ALA A 55 11.75 -22.84 -0.65
C ALA A 55 10.38 -23.01 -1.33
N MET A 56 9.44 -23.61 -0.61
CA MET A 56 8.09 -23.86 -1.13
C MET A 56 7.07 -22.81 -0.70
N HIS A 57 7.43 -22.03 0.32
CA HIS A 57 6.65 -20.87 0.76
C HIS A 57 5.13 -21.12 0.75
N PRO A 58 4.65 -22.15 1.46
CA PRO A 58 3.21 -22.33 1.40
C PRO A 58 2.43 -21.10 1.86
N TRP A 59 1.61 -20.55 0.97
CA TRP A 59 0.66 -19.48 1.29
C TRP A 59 -0.51 -20.11 2.04
N VAL A 60 -0.67 -19.68 3.29
CA VAL A 60 -1.49 -20.36 4.28
C VAL A 60 -2.22 -19.36 5.17
N THR A 61 -3.39 -19.76 5.69
CA THR A 61 -4.11 -18.93 6.66
C THR A 61 -4.51 -19.75 7.89
N SER A 62 -4.92 -19.06 8.95
CA SER A 62 -5.42 -19.73 10.16
C SER A 62 -6.80 -19.21 10.46
N LYS A 63 -7.27 -18.32 9.60
CA LYS A 63 -8.64 -17.88 9.66
C LYS A 63 -9.60 -19.07 9.46
N PRO A 64 -10.82 -18.97 10.00
CA PRO A 64 -11.80 -20.00 9.70
C PRO A 64 -12.22 -19.85 8.24
N LEU A 65 -12.77 -20.92 7.67
CA LEU A 65 -13.33 -20.84 6.34
C LEU A 65 -14.68 -20.15 6.45
N PRO A 66 -14.92 -19.11 5.62
CA PRO A 66 -16.18 -18.37 5.74
C PRO A 66 -17.39 -19.20 5.32
N GLU A 67 -18.60 -18.66 5.57
CA GLU A 67 -19.85 -19.37 5.29
C GLU A 67 -20.16 -19.52 3.81
N TYR A 68 -19.84 -18.48 3.03
CA TYR A 68 -20.16 -18.50 1.59
C TYR A 68 -19.38 -19.56 0.82
N LEU A 69 -18.29 -20.06 1.42
CA LEU A 69 -17.57 -21.18 0.84
C LEU A 69 -17.86 -22.53 1.52
N TRP A 70 -18.49 -22.52 2.69
CA TRP A 70 -19.00 -23.78 3.26
C TRP A 70 -20.20 -24.24 2.44
N LYS A 71 -21.06 -23.28 2.07
CA LYS A 71 -22.19 -23.56 1.17
C LYS A 71 -21.72 -24.10 -0.18
N LYS A 72 -20.41 -24.26 -0.32
CA LYS A 72 -19.79 -24.79 -1.55
C LYS A 72 -19.21 -26.19 -1.35
N ILE A 73 -18.92 -26.54 -0.10
CA ILE A 73 -18.59 -27.92 0.24
C ILE A 73 -19.78 -28.43 1.02
N ALA A 74 -20.90 -28.60 0.32
CA ALA A 74 -22.15 -28.96 0.99
C ALA A 74 -22.21 -30.45 1.39
N ASN A 75 -21.08 -30.98 1.91
CA ASN A 75 -20.94 -32.44 2.16
C ASN A 75 -19.65 -32.94 2.87
N ASN A 76 -18.89 -32.03 3.47
CA ASN A 76 -17.59 -32.38 4.10
C ASN A 76 -16.72 -33.27 3.21
N CYS A 77 -16.59 -32.85 1.95
CA CYS A 77 -15.78 -33.55 0.95
C CYS A 77 -15.23 -32.59 -0.14
N ILE A 78 -13.97 -32.81 -0.53
CA ILE A 78 -13.27 -31.91 -1.45
C ILE A 78 -12.40 -32.68 -2.45
N PHE A 79 -12.63 -32.41 -3.74
CA PHE A 79 -11.93 -33.12 -4.82
C PHE A 79 -10.63 -32.44 -5.24
N ILE A 80 -9.62 -33.27 -5.52
CA ILE A 80 -8.29 -32.80 -5.93
C ILE A 80 -7.81 -33.62 -7.12
N VAL A 81 -7.48 -32.96 -8.22
CA VAL A 81 -7.00 -33.67 -9.40
C VAL A 81 -5.48 -33.68 -9.44
N ILE A 82 -4.89 -34.80 -9.02
CA ILE A 82 -3.44 -34.97 -9.09
C ILE A 82 -3.03 -35.46 -10.47
N HIS A 83 -1.90 -34.97 -10.95
CA HIS A 83 -1.34 -35.37 -12.24
C HIS A 83 0.08 -35.91 -12.06
N ARG A 84 0.50 -36.82 -12.93
CA ARG A 84 1.91 -37.17 -13.02
C ARG A 84 2.55 -36.59 -14.29
N SER A 85 2.72 -37.41 -15.32
CA SER A 85 3.25 -36.92 -16.59
C SER A 85 2.10 -36.22 -17.31
N THR A 86 1.35 -36.97 -18.10
CA THR A 86 -0.03 -36.61 -18.42
C THR A 86 -0.97 -37.80 -18.10
N THR A 87 -0.88 -38.26 -16.85
CA THR A 87 -1.78 -39.25 -16.25
C THR A 87 -2.33 -38.63 -14.96
N SER A 88 -3.60 -38.87 -14.69
CA SER A 88 -4.27 -38.21 -13.56
C SER A 88 -5.47 -38.99 -13.01
N GLN A 89 -5.81 -38.70 -11.76
CA GLN A 89 -6.97 -39.28 -11.08
C GLN A 89 -7.44 -38.31 -9.98
N THR A 90 -8.67 -38.53 -9.52
CA THR A 90 -9.32 -37.63 -8.57
C THR A 90 -9.38 -38.30 -7.20
N ILE A 91 -9.12 -37.50 -6.16
CA ILE A 91 -9.09 -38.06 -4.81
C ILE A 91 -10.18 -37.44 -3.93
N LYS A 92 -10.77 -38.29 -3.08
CA LYS A 92 -11.76 -37.89 -2.10
C LYS A 92 -11.06 -37.43 -0.82
N VAL A 93 -11.25 -36.17 -0.45
CA VAL A 93 -10.56 -35.54 0.68
C VAL A 93 -11.53 -34.73 1.55
N SER A 94 -11.29 -34.75 2.88
CA SER A 94 -12.03 -33.89 3.79
C SER A 94 -11.25 -32.58 4.08
N PRO A 95 -11.97 -31.45 4.22
CA PRO A 95 -11.33 -30.15 4.45
C PRO A 95 -10.12 -30.19 5.38
N ASP A 96 -10.20 -31.05 6.40
CA ASP A 96 -9.22 -31.09 7.48
C ASP A 96 -7.99 -31.92 7.15
N ASP A 97 -8.04 -32.70 6.07
CA ASP A 97 -6.90 -33.52 5.69
C ASP A 97 -5.67 -32.64 5.44
N THR A 98 -4.51 -33.11 5.89
CA THR A 98 -3.25 -32.41 5.65
C THR A 98 -2.67 -32.78 4.29
N PRO A 99 -1.67 -32.02 3.79
CA PRO A 99 -0.87 -32.47 2.67
C PRO A 99 -0.20 -33.84 2.90
N GLY A 100 0.17 -34.13 4.15
CA GLY A 100 0.72 -35.43 4.52
C GLY A 100 -0.34 -36.52 4.47
N ALA A 101 -1.44 -36.27 5.17
CA ALA A 101 -2.63 -37.14 5.14
C ALA A 101 -3.43 -36.98 3.83
N ILE A 102 -2.75 -37.21 2.70
CA ILE A 102 -3.33 -37.22 1.36
C ILE A 102 -2.38 -38.02 0.50
N LEU A 103 -1.10 -37.96 0.85
CA LEU A 103 -0.06 -38.77 0.23
C LEU A 103 -0.18 -40.22 0.69
N GLN A 104 -0.25 -40.43 2.01
CA GLN A 104 -0.42 -41.77 2.60
C GLN A 104 -1.73 -42.41 2.13
N SER A 105 -2.71 -41.57 1.80
CA SER A 105 -4.00 -42.02 1.27
C SER A 105 -3.91 -42.27 -0.23
N PHE A 106 -3.22 -41.37 -0.93
CA PHE A 106 -3.02 -41.46 -2.39
C PHE A 106 -2.24 -42.70 -2.82
N PHE A 107 -1.28 -43.12 -1.99
CA PHE A 107 -0.52 -44.35 -2.22
C PHE A 107 -1.20 -45.58 -1.60
N THR A 108 -2.33 -45.35 -0.93
CA THR A 108 -3.27 -46.39 -0.54
C THR A 108 -4.41 -46.36 -1.56
N LYS A 109 -4.32 -45.40 -2.49
CA LYS A 109 -5.26 -45.27 -3.60
C LYS A 109 -4.54 -45.59 -4.92
N MET A 110 -3.23 -45.77 -4.83
CA MET A 110 -2.43 -46.27 -5.94
C MET A 110 -1.46 -47.30 -5.38
N ALA A 111 -1.71 -48.57 -5.72
CA ALA A 111 -0.86 -49.67 -5.28
C ALA A 111 0.43 -49.74 -6.10
N LYS A 112 0.45 -50.61 -7.10
CA LYS A 112 1.63 -50.80 -7.95
C LYS A 112 1.79 -49.66 -8.96
N ASP A 127 8.83 -37.83 1.03
CA ASP A 127 9.18 -38.32 -0.30
C ASP A 127 8.92 -37.26 -1.39
N PHE A 128 7.74 -37.31 -2.02
CA PHE A 128 7.34 -36.37 -3.08
C PHE A 128 6.72 -35.07 -2.55
N VAL A 129 6.20 -34.25 -3.46
CA VAL A 129 5.60 -32.96 -3.10
C VAL A 129 4.50 -32.55 -4.09
N LEU A 130 3.37 -32.05 -3.58
CA LEU A 130 2.29 -31.54 -4.42
C LEU A 130 2.53 -30.07 -4.77
N ARG A 131 2.24 -29.71 -6.02
CA ARG A 131 2.43 -28.34 -6.50
C ARG A 131 1.29 -27.96 -7.43
N VAL A 132 0.88 -26.70 -7.41
CA VAL A 132 -0.29 -26.26 -8.19
C VAL A 132 0.04 -26.17 -9.66
N CYS A 133 -0.94 -26.54 -10.47
CA CYS A 133 -0.74 -26.62 -11.90
C CYS A 133 -0.56 -25.26 -12.55
N GLY A 134 0.63 -25.08 -13.11
CA GLY A 134 1.03 -23.87 -13.84
C GLY A 134 1.62 -22.74 -12.99
N ARG A 135 1.92 -23.04 -11.73
CA ARG A 135 2.30 -22.03 -10.75
C ARG A 135 3.45 -22.47 -9.87
N ASP A 136 4.35 -21.55 -9.56
CA ASP A 136 5.35 -21.80 -8.53
C ASP A 136 4.69 -21.69 -7.17
N GLU A 137 3.97 -22.74 -6.79
CA GLU A 137 3.07 -22.75 -5.64
C GLU A 137 2.95 -24.18 -5.17
N TYR A 138 2.71 -24.39 -3.88
CA TYR A 138 2.81 -25.72 -3.29
C TYR A 138 1.83 -25.95 -2.15
N LEU A 139 1.41 -27.20 -1.97
CA LEU A 139 0.63 -27.61 -0.80
C LEU A 139 1.46 -28.56 0.06
N VAL A 140 2.35 -27.98 0.87
CA VAL A 140 3.23 -28.73 1.76
C VAL A 140 3.08 -28.17 3.17
N GLY A 141 3.41 -28.98 4.17
CA GLY A 141 3.40 -28.55 5.56
C GLY A 141 2.10 -28.85 6.28
N GLU A 142 2.17 -28.80 7.61
CA GLU A 142 1.10 -29.27 8.47
C GLU A 142 0.03 -28.19 8.70
N THR A 143 -0.95 -28.15 7.81
CA THR A 143 -2.08 -27.25 7.96
C THR A 143 -3.31 -27.90 7.28
N PRO A 144 -4.50 -27.72 7.88
CA PRO A 144 -5.70 -28.38 7.36
C PRO A 144 -6.05 -27.82 6.00
N ILE A 145 -5.83 -28.59 4.93
CA ILE A 145 -5.83 -28.05 3.56
C ILE A 145 -6.96 -27.10 3.20
N LYS A 146 -8.05 -27.12 3.96
CA LYS A 146 -9.03 -26.05 3.86
C LYS A 146 -8.35 -24.68 4.11
N ASN A 147 -7.12 -24.71 4.63
CA ASN A 147 -6.35 -23.51 5.03
C ASN A 147 -5.27 -23.03 4.03
N PHE A 148 -5.26 -23.59 2.82
CA PHE A 148 -4.38 -23.09 1.75
C PHE A 148 -5.14 -22.10 0.87
N GLN A 149 -4.53 -20.96 0.60
CA GLN A 149 -5.24 -19.89 -0.09
C GLN A 149 -5.65 -20.31 -1.49
N TRP A 150 -4.77 -21.04 -2.17
CA TRP A 150 -5.06 -21.42 -3.54
C TRP A 150 -6.30 -22.31 -3.59
N VAL A 151 -6.51 -23.09 -2.54
CA VAL A 151 -7.70 -23.91 -2.40
C VAL A 151 -8.93 -23.02 -2.24
N ARG A 152 -8.89 -22.07 -1.29
CA ARG A 152 -10.02 -21.20 -1.04
C ARG A 152 -10.29 -20.36 -2.28
N HIS A 153 -9.31 -20.25 -3.16
CA HIS A 153 -9.46 -19.48 -4.38
C HIS A 153 -10.25 -20.29 -5.41
N CYS A 154 -9.95 -21.57 -5.48
CA CYS A 154 -10.69 -22.49 -6.34
C CYS A 154 -12.18 -22.53 -5.98
N LEU A 155 -12.48 -22.75 -4.71
CA LEU A 155 -13.86 -22.74 -4.24
C LEU A 155 -14.56 -21.42 -4.62
N LYS A 156 -14.10 -20.31 -4.07
CA LYS A 156 -14.65 -18.99 -4.42
C LYS A 156 -15.00 -18.78 -5.91
N ASN A 157 -14.24 -19.40 -6.83
CA ASN A 157 -14.42 -19.18 -8.27
C ASN A 157 -14.93 -20.41 -9.04
N GLY A 158 -15.43 -21.40 -8.30
CA GLY A 158 -16.06 -22.60 -8.88
C GLY A 158 -15.12 -23.55 -9.62
N GLU A 159 -13.91 -23.70 -9.10
CA GLU A 159 -12.81 -24.36 -9.81
C GLU A 159 -12.28 -25.64 -9.18
N GLU A 160 -11.66 -26.47 -10.02
CA GLU A 160 -11.09 -27.74 -9.61
C GLU A 160 -9.61 -27.55 -9.26
N ILE A 161 -9.15 -28.30 -8.27
CA ILE A 161 -7.83 -28.11 -7.72
C ILE A 161 -6.81 -29.05 -8.37
N HIS A 162 -6.12 -28.54 -9.37
CA HIS A 162 -5.16 -29.33 -10.14
C HIS A 162 -3.71 -29.21 -9.63
N VAL A 163 -3.05 -30.35 -9.54
CA VAL A 163 -1.72 -30.49 -8.95
C VAL A 163 -0.82 -31.41 -9.77
N VAL A 164 0.48 -31.11 -9.80
CA VAL A 164 1.45 -32.00 -10.42
C VAL A 164 2.33 -32.65 -9.34
N LEU A 165 2.63 -33.94 -9.52
CA LEU A 165 3.49 -34.63 -8.58
C LEU A 165 4.96 -34.52 -8.97
N ASP A 166 5.66 -33.65 -8.24
CA ASP A 166 7.12 -33.50 -8.35
C ASP A 166 7.78 -33.47 -6.96
N THR A 167 9.05 -33.12 -6.92
CA THR A 167 9.80 -33.20 -5.68
C THR A 167 9.83 -31.85 -4.98
N PRO A 168 10.45 -31.79 -3.78
CA PRO A 168 10.77 -30.46 -3.26
C PRO A 168 11.77 -29.77 -4.18
N PRO A 169 11.52 -28.50 -4.54
CA PRO A 169 12.59 -27.70 -5.11
C PRO A 169 13.74 -27.74 -4.13
N ASP A 170 14.92 -28.09 -4.64
CA ASP A 170 16.13 -28.23 -3.85
C ASP A 170 16.28 -27.08 -2.85
N PRO A 171 16.04 -27.36 -1.55
CA PRO A 171 16.16 -26.37 -0.48
C PRO A 171 17.56 -25.73 -0.41
N ALA A 172 18.45 -26.19 -1.28
CA ALA A 172 19.81 -25.67 -1.33
C ALA A 172 19.91 -24.52 -2.32
N LEU A 173 18.83 -24.27 -3.05
CA LEU A 173 18.82 -23.21 -4.06
C LEU A 173 18.67 -21.81 -3.47
N ASP A 174 18.28 -21.73 -2.19
CA ASP A 174 18.33 -20.45 -1.45
C ASP A 174 19.57 -20.37 -0.54
N GLU A 175 20.69 -20.84 -1.07
CA GLU A 175 21.99 -20.64 -0.48
C GLU A 175 22.20 -19.15 -0.39
N VAL A 176 22.60 -18.67 0.78
CA VAL A 176 22.86 -17.25 0.95
C VAL A 176 24.36 -17.05 0.91
N ARG A 177 24.81 -16.06 0.13
CA ARG A 177 26.21 -15.68 0.12
C ARG A 177 26.65 -15.22 1.51
N LYS A 178 27.89 -15.52 1.88
CA LYS A 178 28.38 -15.32 3.24
C LYS A 178 28.97 -13.93 3.50
N GLU A 179 28.67 -13.40 4.68
CA GLU A 179 29.17 -12.08 5.10
C GLU A 179 30.03 -12.24 6.35
N GLU A 180 31.25 -11.70 6.28
CA GLU A 180 32.19 -11.77 7.40
C GLU A 180 33.63 -11.51 6.92
N CYS A 215 22.30 19.67 29.27
CA CYS A 215 21.66 20.08 30.52
C CYS A 215 21.06 21.49 30.43
N ASP A 216 21.30 22.33 31.44
CA ASP A 216 20.41 23.46 31.70
C ASP A 216 20.59 24.76 30.92
N ARG A 217 21.16 24.64 29.73
CA ARG A 217 21.22 25.76 28.81
C ARG A 217 20.02 25.70 27.85
N LYS A 218 19.43 26.86 27.55
CA LYS A 218 18.55 27.00 26.40
C LYS A 218 19.24 26.49 25.13
N PHE A 219 18.52 25.74 24.30
CA PHE A 219 19.03 25.41 23.00
C PHE A 219 19.12 26.65 22.16
N ARG A 220 20.18 26.71 21.34
CA ARG A 220 20.47 27.86 20.52
C ARG A 220 20.92 27.34 19.18
N VAL A 221 20.52 28.04 18.12
CA VAL A 221 20.99 27.72 16.77
C VAL A 221 21.27 28.98 15.92
N LYS A 222 22.32 28.92 15.11
CA LYS A 222 22.76 30.06 14.29
C LYS A 222 22.40 29.86 12.80
N ILE A 223 21.51 30.98 12.38
CA ILE A 223 21.24 31.05 10.93
C ILE A 223 22.25 32.02 10.24
N ARG A 224 23.28 31.45 9.60
CA ARG A 224 24.23 32.18 8.75
C ARG A 224 23.49 32.85 7.58
N GLY A 225 22.81 31.91 6.75
CA GLY A 225 22.03 32.44 5.65
C GLY A 225 21.59 31.32 4.59
N ILE A 226 20.79 31.81 3.65
CA ILE A 226 20.34 31.00 2.54
C ILE A 226 21.32 31.20 1.37
N ASP A 227 21.36 30.21 0.47
CA ASP A 227 21.95 30.39 -0.85
C ASP A 227 21.18 29.62 -1.91
N ILE A 228 20.93 30.31 -3.02
CA ILE A 228 20.41 29.67 -4.22
C ILE A 228 21.20 30.20 -5.45
N PRO A 229 21.97 29.32 -6.10
CA PRO A 229 22.91 29.77 -7.12
C PRO A 229 22.22 30.62 -8.17
N VAL A 230 20.99 30.25 -8.52
CA VAL A 230 20.17 30.99 -9.47
C VAL A 230 18.71 30.99 -9.07
N LEU A 231 18.18 32.20 -8.87
CA LEU A 231 16.78 32.33 -8.51
C LEU A 231 16.15 33.57 -9.15
N PRO A 232 15.83 33.50 -10.46
CA PRO A 232 14.87 34.45 -10.98
C PRO A 232 13.50 33.79 -10.99
N ARG A 233 12.89 33.69 -9.81
CA ARG A 233 11.64 32.95 -9.63
C ARG A 233 10.37 33.83 -9.63
N ASN A 234 10.56 35.15 -9.48
CA ASN A 234 9.46 36.13 -9.39
C ASN A 234 9.95 37.59 -9.43
N THR A 235 9.01 38.52 -9.62
CA THR A 235 9.18 39.88 -9.12
C THR A 235 9.26 39.68 -7.62
N ASP A 236 10.28 40.27 -7.00
CA ASP A 236 10.61 39.90 -5.63
C ASP A 236 9.56 40.23 -4.56
N LEU A 237 9.36 39.29 -3.63
CA LEU A 237 8.53 39.55 -2.45
C LEU A 237 9.38 39.59 -1.17
N THR A 238 9.04 38.74 -0.21
CA THR A 238 9.60 38.78 1.13
C THR A 238 10.11 37.40 1.54
N VAL A 239 11.16 37.34 2.35
CA VAL A 239 11.73 36.05 2.79
C VAL A 239 12.25 36.10 4.23
N PHE A 240 11.74 35.18 5.06
CA PHE A 240 12.32 34.92 6.38
C PHE A 240 12.46 33.42 6.63
N VAL A 241 13.24 33.10 7.66
CA VAL A 241 13.53 31.74 8.07
C VAL A 241 12.81 31.44 9.38
N GLU A 242 12.18 30.26 9.43
CA GLU A 242 11.49 29.78 10.62
C GLU A 242 12.14 28.47 11.10
N ALA A 243 12.62 28.45 12.33
CA ALA A 243 13.21 27.24 12.89
C ALA A 243 12.27 26.66 13.95
N ASN A 244 11.67 25.51 13.65
CA ASN A 244 10.79 24.84 14.58
C ASN A 244 11.52 23.70 15.23
N ILE A 245 11.41 23.58 16.55
CA ILE A 245 11.75 22.29 17.16
C ILE A 245 10.51 21.35 17.22
N GLN A 246 10.57 20.26 16.45
CA GLN A 246 9.42 19.39 16.24
C GLN A 246 9.62 18.00 16.81
N HIS A 247 8.57 17.49 17.44
CA HIS A 247 8.50 16.08 17.85
C HIS A 247 7.11 15.58 17.45
N GLY A 248 7.08 14.58 16.56
CA GLY A 248 5.81 13.97 16.11
C GLY A 248 4.78 14.97 15.61
N GLN A 249 5.25 15.96 14.83
CA GLN A 249 4.41 16.97 14.18
C GLN A 249 3.84 17.96 15.21
N GLN A 250 4.27 17.77 16.46
CA GLN A 250 4.03 18.73 17.53
C GLN A 250 5.21 19.72 17.41
N VAL A 251 4.90 21.00 17.22
CA VAL A 251 5.93 22.05 17.35
C VAL A 251 6.19 22.38 18.81
N LEU A 252 7.28 21.85 19.36
CA LEU A 252 7.65 22.15 20.73
C LEU A 252 8.08 23.59 20.94
N CYS A 253 8.69 24.19 19.92
CA CYS A 253 9.23 25.54 20.08
C CYS A 253 9.50 26.20 18.74
N GLN A 254 9.37 27.51 18.68
CA GLN A 254 9.42 28.22 17.41
C GLN A 254 10.02 29.63 17.49
N ARG A 255 11.17 29.84 16.83
CA ARG A 255 11.80 31.18 16.68
C ARG A 255 12.00 31.49 15.21
N ARG A 256 11.97 32.79 14.87
CA ARG A 256 12.11 33.25 13.47
C ARG A 256 13.33 34.16 13.19
N THR A 257 13.53 34.47 11.90
CA THR A 257 14.35 35.61 11.49
C THR A 257 13.48 36.78 11.01
N SER A 258 14.14 37.90 10.69
CA SER A 258 13.49 39.11 10.20
C SER A 258 13.24 39.08 8.68
N PRO A 259 12.16 39.75 8.21
CA PRO A 259 11.76 39.67 6.79
C PRO A 259 12.61 40.54 5.84
N LYS A 260 13.52 39.91 5.10
CA LYS A 260 14.27 40.60 4.06
C LYS A 260 13.62 40.34 2.69
N PRO A 261 13.94 41.17 1.66
CA PRO A 261 13.73 40.74 0.26
C PRO A 261 14.55 39.50 -0.13
N PHE A 262 14.24 38.96 -1.30
CA PHE A 262 14.78 37.67 -1.74
C PHE A 262 15.86 37.88 -2.82
N THR A 263 17.13 37.74 -2.43
CA THR A 263 18.26 37.74 -3.37
C THR A 263 18.89 36.37 -3.41
N GLU A 264 19.65 36.09 -4.46
CA GLU A 264 20.26 34.76 -4.62
C GLU A 264 21.16 34.40 -3.42
N GLU A 265 21.37 35.40 -2.54
CA GLU A 265 22.20 35.23 -1.36
C GLU A 265 21.66 36.09 -0.21
N VAL A 266 21.27 35.44 0.92
CA VAL A 266 20.76 36.23 2.10
C VAL A 266 21.42 35.80 3.41
N LEU A 267 21.87 36.80 4.21
CA LEU A 267 22.58 36.56 5.48
C LEU A 267 21.88 37.21 6.71
N TRP A 268 22.16 36.65 7.90
CA TRP A 268 21.67 37.21 9.18
C TRP A 268 22.79 37.24 10.23
N ASN A 269 23.48 35.99 10.32
CA ASN A 269 24.42 35.72 11.41
C ASN A 269 23.84 35.92 12.83
N VAL A 270 22.76 35.22 13.14
CA VAL A 270 22.08 35.33 14.45
C VAL A 270 21.97 34.02 15.23
N TRP A 271 22.11 34.14 16.57
CA TRP A 271 21.68 33.06 17.47
C TRP A 271 20.18 33.18 17.66
N LEU A 272 19.46 32.11 17.36
CA LEU A 272 18.06 32.00 17.75
C LEU A 272 18.04 31.26 19.07
N GLU A 273 17.51 31.93 20.11
CA GLU A 273 17.32 31.29 21.39
C GLU A 273 15.95 30.64 21.49
N PHE A 274 15.96 29.35 21.71
CA PHE A 274 14.71 28.65 21.94
C PHE A 274 14.47 28.63 23.44
N SER A 275 13.20 28.51 23.82
CA SER A 275 12.81 28.40 25.23
C SER A 275 13.27 27.05 25.83
N ILE A 276 13.19 25.97 25.05
CA ILE A 276 13.60 24.65 25.54
C ILE A 276 15.05 24.61 26.00
N LYS A 277 15.28 23.96 27.13
CA LYS A 277 16.62 23.65 27.58
C LYS A 277 17.13 22.47 26.80
N ILE A 278 18.42 22.23 26.90
CA ILE A 278 19.11 21.18 26.16
C ILE A 278 18.79 19.83 26.76
N LYS A 279 18.75 19.77 28.07
CA LYS A 279 18.45 18.53 28.78
C LYS A 279 17.05 18.03 28.45
N ASP A 280 16.22 18.94 27.91
CA ASP A 280 14.80 18.69 27.70
C ASP A 280 14.47 18.15 26.31
N LEU A 281 15.43 18.25 25.39
CA LEU A 281 15.26 17.67 24.04
C LEU A 281 15.11 16.16 24.14
N PRO A 282 14.03 15.62 23.55
CA PRO A 282 13.79 14.17 23.47
C PRO A 282 14.34 13.56 22.19
N LYS A 283 14.83 12.33 22.29
CA LYS A 283 15.40 11.65 21.15
C LYS A 283 14.43 11.79 20.02
N GLY A 284 14.93 11.90 18.80
CA GLY A 284 14.04 12.00 17.65
C GLY A 284 13.38 13.36 17.44
N ALA A 285 13.62 14.31 18.34
CA ALA A 285 13.28 15.69 18.01
C ALA A 285 14.01 16.09 16.71
N LEU A 286 13.29 16.78 15.83
CA LEU A 286 13.86 17.38 14.62
C LEU A 286 13.91 18.88 14.77
N LEU A 287 15.08 19.44 14.48
CA LEU A 287 15.21 20.84 14.15
C LEU A 287 14.78 20.95 12.70
N ASN A 288 13.71 21.71 12.50
CA ASN A 288 13.02 21.82 11.22
C ASN A 288 13.13 23.24 10.72
N LEU A 289 13.73 23.40 9.54
CA LEU A 289 14.08 24.74 9.01
C LEU A 289 13.28 25.01 7.73
N GLN A 290 12.68 26.21 7.68
CA GLN A 290 11.68 26.57 6.65
C GLN A 290 11.73 28.03 6.14
N ILE A 291 11.46 28.20 4.85
CA ILE A 291 11.52 29.51 4.21
C ILE A 291 10.18 29.89 3.63
N TYR A 292 9.64 30.99 4.16
CA TYR A 292 8.37 31.55 3.72
C TYR A 292 8.58 32.82 2.92
N CYS A 293 7.65 33.05 1.98
CA CYS A 293 7.56 34.31 1.27
C CYS A 293 6.09 34.68 1.10
N LEU A 318 5.35 29.64 2.41
CA LEU A 318 6.31 28.54 2.53
C LEU A 318 6.80 28.03 1.18
N LEU A 319 8.13 28.01 1.02
CA LEU A 319 8.78 27.78 -0.25
C LEU A 319 9.79 26.64 -0.18
N TYR A 320 10.42 26.46 0.99
CA TYR A 320 11.49 25.46 1.13
C TYR A 320 11.54 24.90 2.55
N TYR A 321 11.91 23.63 2.68
CA TYR A 321 12.05 23.06 4.02
C TYR A 321 13.26 22.16 4.13
N VAL A 322 13.79 21.99 5.34
CA VAL A 322 14.79 20.92 5.59
C VAL A 322 14.81 20.50 7.07
N ASN A 323 15.29 19.30 7.35
CA ASN A 323 15.21 18.81 8.73
C ASN A 323 16.48 18.18 9.23
N LEU A 324 16.79 18.48 10.47
CA LEU A 324 17.98 17.89 11.04
C LEU A 324 17.61 17.32 12.37
N LEU A 325 17.97 16.04 12.55
CA LEU A 325 17.78 15.35 13.81
C LEU A 325 18.69 15.96 14.85
N LEU A 326 18.08 16.49 15.90
CA LEU A 326 18.85 17.08 16.96
C LEU A 326 19.68 16.03 17.66
N ILE A 327 19.08 14.87 17.93
CA ILE A 327 19.82 13.80 18.62
C ILE A 327 20.09 12.65 17.64
N ASP A 328 21.34 12.19 17.57
CA ASP A 328 21.74 11.20 16.55
C ASP A 328 21.40 9.75 16.93
N HIS A 329 21.83 8.80 16.11
CA HIS A 329 21.57 7.38 16.35
C HIS A 329 22.45 6.78 17.44
N ARG A 330 23.37 7.58 17.98
CA ARG A 330 24.23 7.17 19.09
C ARG A 330 23.89 7.95 20.37
N PHE A 331 22.68 8.52 20.41
CA PHE A 331 22.19 9.30 21.54
C PHE A 331 23.01 10.58 21.80
N LEU A 332 23.75 11.04 20.79
CA LEU A 332 24.60 12.23 20.91
C LEU A 332 23.91 13.51 20.47
N LEU A 333 24.09 14.56 21.28
CA LEU A 333 23.61 15.89 20.93
C LEU A 333 24.35 16.41 19.71
N ARG A 334 23.60 16.74 18.65
CA ARG A 334 24.21 17.14 17.38
C ARG A 334 24.87 18.52 17.44
N ARG A 335 26.20 18.55 17.32
CA ARG A 335 27.02 19.75 17.45
C ARG A 335 27.78 20.05 16.14
N GLY A 336 27.87 21.33 15.77
CA GLY A 336 28.74 21.75 14.65
C GLY A 336 28.20 22.52 13.46
N GLU A 337 28.98 22.49 12.36
CA GLU A 337 28.73 23.24 11.11
C GLU A 337 27.88 22.46 10.10
N TYR A 338 26.92 23.14 9.47
CA TYR A 338 26.03 22.48 8.51
C TYR A 338 25.62 23.34 7.32
N VAL A 339 25.71 22.72 6.14
CA VAL A 339 25.23 23.32 4.90
C VAL A 339 24.24 22.36 4.29
N LEU A 340 22.96 22.69 4.48
CA LEU A 340 21.83 21.81 4.17
C LEU A 340 21.04 22.24 2.94
N HIS A 341 21.11 21.41 1.92
CA HIS A 341 20.33 21.58 0.71
C HIS A 341 18.84 21.17 0.87
N MET A 342 17.96 22.11 0.50
CA MET A 342 16.57 22.17 0.92
C MET A 342 15.62 21.82 -0.19
N TRP A 343 14.49 21.21 0.20
CA TRP A 343 13.44 20.78 -0.69
C TRP A 343 12.50 21.91 -0.96
N GLN A 344 11.89 21.87 -2.14
CA GLN A 344 10.92 22.86 -2.57
C GLN A 344 9.48 22.39 -2.52
N ILE A 345 8.56 23.24 -2.05
CA ILE A 345 7.13 22.97 -2.23
C ILE A 345 6.70 23.24 -3.67
N SER A 346 5.96 22.28 -4.23
CA SER A 346 5.30 22.41 -5.54
C SER A 346 4.46 23.69 -5.68
N GLY A 347 4.90 24.58 -6.58
CA GLY A 347 4.21 25.86 -6.81
C GLY A 347 2.90 25.72 -7.56
N PHE A 355 1.10 17.72 7.27
CA PHE A 355 0.38 17.85 6.02
C PHE A 355 0.64 16.67 5.07
N ASN A 356 1.92 16.26 4.97
CA ASN A 356 2.44 15.43 3.89
C ASN A 356 3.73 14.78 4.39
N ALA A 357 3.89 13.48 4.18
CA ALA A 357 5.04 12.76 4.74
C ALA A 357 6.43 13.22 4.24
N ASP A 358 6.48 13.87 3.09
CA ASP A 358 7.80 14.33 2.61
C ASP A 358 8.34 15.43 3.52
N LYS A 359 7.44 16.32 3.94
CA LYS A 359 7.74 17.36 4.89
C LYS A 359 8.50 16.89 6.10
N LEU A 360 8.73 15.60 6.21
CA LEU A 360 9.29 15.06 7.44
C LEU A 360 10.70 14.47 7.39
N THR A 361 11.20 14.20 6.17
CA THR A 361 12.42 13.39 6.05
C THR A 361 13.64 14.12 6.57
N SER A 362 14.56 13.36 7.15
CA SER A 362 15.82 13.87 7.67
C SER A 362 16.84 13.98 6.54
N ALA A 363 16.43 13.54 5.35
CA ALA A 363 17.27 13.57 4.15
C ALA A 363 17.31 14.95 3.48
N THR A 364 18.55 15.36 3.14
CA THR A 364 18.84 16.62 2.44
C THR A 364 18.73 16.39 0.95
N ASN A 365 18.34 17.42 0.22
CA ASN A 365 18.20 17.36 -1.22
C ASN A 365 19.57 16.98 -1.92
N PRO A 366 19.58 15.90 -2.73
CA PRO A 366 20.84 15.51 -3.34
C PRO A 366 21.25 16.39 -4.56
N ASP A 367 20.27 17.01 -5.24
CA ASP A 367 20.53 18.00 -6.29
C ASP A 367 21.21 19.25 -5.71
N LYS A 368 22.51 19.14 -5.46
CA LYS A 368 23.30 20.23 -4.84
C LYS A 368 23.52 21.42 -5.77
N GLU A 369 23.07 21.30 -7.02
CA GLU A 369 23.32 22.32 -8.03
C GLU A 369 22.28 23.44 -8.06
N ASN A 370 21.01 23.09 -8.20
CA ASN A 370 19.93 24.09 -8.26
C ASN A 370 19.35 24.43 -6.88
N SER A 371 19.62 23.59 -5.88
CA SER A 371 18.84 23.63 -4.64
C SER A 371 19.27 24.73 -3.68
N MET A 372 18.26 25.35 -3.07
CA MET A 372 18.43 26.28 -1.97
C MET A 372 19.15 25.62 -0.80
N SER A 373 20.01 26.37 -0.14
CA SER A 373 20.61 25.83 1.07
C SER A 373 20.57 26.80 2.27
N ILE A 374 21.27 26.41 3.32
CA ILE A 374 21.20 27.07 4.59
C ILE A 374 22.42 26.62 5.38
N SER A 375 22.93 27.52 6.22
CA SER A 375 24.17 27.23 6.90
C SER A 375 23.97 27.57 8.36
N ILE A 376 24.41 26.68 9.23
CA ILE A 376 24.05 26.77 10.62
C ILE A 376 25.21 26.26 11.47
N LEU A 377 25.25 26.73 12.72
CA LEU A 377 26.18 26.19 13.72
C LEU A 377 25.45 25.71 14.97
N LEU A 378 25.94 24.59 15.49
CA LEU A 378 25.47 24.04 16.73
C LEU A 378 26.64 23.90 17.67
N ASP A 379 26.71 24.81 18.64
CA ASP A 379 27.63 24.64 19.75
C ASP A 379 26.82 24.61 21.01
N ASN A 380 26.83 23.46 21.68
CA ASN A 380 26.00 23.20 22.85
C ASN A 380 26.69 22.32 23.90
N HIS A 383 27.98 14.67 26.72
CA HIS A 383 26.72 15.32 26.39
C HIS A 383 25.77 14.40 25.59
N PRO A 384 25.22 13.37 26.25
CA PRO A 384 24.30 12.40 25.69
C PRO A 384 22.88 12.68 26.18
N ILE A 385 22.24 11.67 26.78
CA ILE A 385 20.87 11.80 27.28
C ILE A 385 20.71 11.37 28.75
N ALA A 386 20.02 12.23 29.50
CA ALA A 386 19.45 11.90 30.82
C ALA A 386 17.98 12.30 30.81
N ARG A 402 -4.24 6.58 44.00
CA ARG A 402 -3.47 5.66 43.15
C ARG A 402 -4.37 5.01 42.10
N ALA A 403 -5.60 4.69 42.51
CA ALA A 403 -6.63 4.09 41.63
C ALA A 403 -8.01 4.78 41.75
N GLU A 404 -8.27 5.38 42.92
CA GLU A 404 -9.50 6.14 43.21
C GLU A 404 -9.88 7.14 42.10
N MET A 405 -11.14 7.14 41.68
CA MET A 405 -11.64 8.09 40.66
C MET A 405 -13.16 8.36 40.75
N PRO A 406 -13.54 9.64 40.90
CA PRO A 406 -14.93 10.10 40.85
C PRO A 406 -15.60 9.73 39.55
N ASN A 407 -16.91 9.57 39.59
CA ASN A 407 -17.65 9.02 38.49
C ASN A 407 -17.74 9.92 37.29
N GLN A 408 -18.09 11.18 37.52
CA GLN A 408 -18.22 12.10 36.40
C GLN A 408 -16.91 12.31 35.60
N LEU A 409 -15.76 12.13 36.25
CA LEU A 409 -14.49 12.22 35.52
C LEU A 409 -14.24 10.97 34.71
N ARG A 410 -14.45 9.79 35.32
CA ARG A 410 -14.17 8.56 34.59
C ARG A 410 -15.08 8.51 33.37
N LYS A 411 -16.29 9.01 33.53
CA LYS A 411 -17.22 9.14 32.42
C LYS A 411 -16.69 10.11 31.36
N GLN A 412 -16.16 11.26 31.78
CA GLN A 412 -15.56 12.17 30.80
C GLN A 412 -14.33 11.55 30.17
N LEU A 413 -13.58 10.80 30.99
CA LEU A 413 -12.40 10.09 30.51
C LEU A 413 -12.74 9.08 29.44
N GLU A 414 -13.80 8.31 29.69
CA GLU A 414 -14.21 7.24 28.81
C GLU A 414 -14.83 7.77 27.56
N ALA A 415 -15.63 8.83 27.72
CA ALA A 415 -16.16 9.54 26.55
C ALA A 415 -15.02 10.01 25.60
N ILE A 416 -13.95 10.60 26.16
CA ILE A 416 -12.73 10.96 25.42
C ILE A 416 -12.11 9.73 24.78
N ILE A 417 -11.90 8.67 25.58
CA ILE A 417 -11.34 7.43 25.04
C ILE A 417 -12.20 6.80 23.95
N ALA A 418 -13.50 6.93 24.05
CA ALA A 418 -14.38 6.28 23.08
C ALA A 418 -14.13 6.86 21.68
N THR A 419 -14.13 8.18 21.59
CA THR A 419 -14.12 8.93 20.33
C THR A 419 -13.05 8.54 19.27
N ASP A 420 -13.29 8.88 18.01
CA ASP A 420 -12.50 8.33 16.88
C ASP A 420 -11.05 8.81 16.82
N PRO A 421 -10.24 8.23 15.92
CA PRO A 421 -8.84 8.62 16.01
C PRO A 421 -8.59 10.05 15.53
N LEU A 422 -9.58 10.65 14.87
CA LEU A 422 -9.46 11.98 14.28
C LEU A 422 -10.15 13.08 15.06
N ASN A 423 -10.78 12.73 16.16
CA ASN A 423 -11.34 13.74 17.04
C ASN A 423 -10.19 14.42 17.77
N PRO A 424 -10.22 15.76 17.83
CA PRO A 424 -9.10 16.51 18.43
C PRO A 424 -9.15 16.45 19.95
N LEU A 425 -7.99 16.35 20.57
CA LEU A 425 -7.93 16.40 22.01
C LEU A 425 -7.76 17.83 22.46
N THR A 426 -8.74 18.28 23.24
CA THR A 426 -8.66 19.50 24.03
C THR A 426 -7.48 19.47 25.00
N ALA A 427 -7.00 20.65 25.35
CA ALA A 427 -6.06 20.85 26.46
C ALA A 427 -6.57 20.20 27.73
N GLU A 428 -7.84 20.46 28.08
CA GLU A 428 -8.44 19.81 29.25
C GLU A 428 -8.45 18.30 29.06
N ASP A 429 -8.86 17.84 27.87
CA ASP A 429 -8.83 16.42 27.54
C ASP A 429 -7.46 15.85 27.88
N LYS A 430 -6.42 16.48 27.33
CA LYS A 430 -5.03 16.08 27.52
C LYS A 430 -4.58 16.02 28.99
N GLU A 431 -4.96 17.02 29.78
CA GLU A 431 -4.57 17.04 31.20
C GLU A 431 -5.34 15.95 31.96
N LEU A 432 -6.56 15.65 31.49
CA LEU A 432 -7.35 14.56 32.09
C LEU A 432 -6.61 13.26 31.88
N LEU A 433 -6.28 12.94 30.62
CA LEU A 433 -5.56 11.72 30.28
C LEU A 433 -4.26 11.62 31.07
N TRP A 434 -3.50 12.72 31.15
CA TRP A 434 -2.21 12.66 31.79
C TRP A 434 -2.32 12.36 33.30
N HIS A 435 -3.11 13.14 34.00
CA HIS A 435 -3.25 12.96 35.42
C HIS A 435 -3.83 11.60 35.80
N PHE A 436 -4.71 11.04 34.96
CA PHE A 436 -5.19 9.67 35.17
C PHE A 436 -4.59 8.72 34.15
N ARG A 437 -3.28 8.86 33.96
CA ARG A 437 -2.58 7.99 33.03
C ARG A 437 -2.68 6.51 33.43
N TYR A 438 -2.75 6.24 34.73
CA TYR A 438 -2.79 4.85 35.22
C TYR A 438 -4.10 4.15 34.98
N GLU A 439 -5.19 4.84 35.26
CA GLU A 439 -6.47 4.34 34.83
C GLU A 439 -6.52 4.26 33.31
N SER A 440 -5.92 5.23 32.62
CA SER A 440 -5.82 5.22 31.16
C SER A 440 -5.06 4.01 30.61
N LEU A 441 -4.09 3.51 31.37
CA LEU A 441 -3.23 2.45 30.88
C LEU A 441 -3.96 1.14 30.79
N LYS A 442 -5.09 1.04 31.49
CA LYS A 442 -5.90 -0.17 31.54
C LYS A 442 -6.68 -0.39 30.27
N HIS A 443 -6.65 0.59 29.36
CA HIS A 443 -7.48 0.56 28.17
C HIS A 443 -6.57 0.75 26.94
N PRO A 444 -6.21 -0.36 26.28
CA PRO A 444 -5.44 -0.32 25.03
C PRO A 444 -5.87 0.82 24.12
N LYS A 445 -7.17 1.06 24.04
CA LYS A 445 -7.68 2.05 23.10
C LYS A 445 -7.29 3.50 23.43
N ALA A 446 -6.84 3.72 24.66
CA ALA A 446 -6.50 5.04 25.14
C ALA A 446 -5.05 5.38 24.82
N TYR A 447 -4.27 4.38 24.42
CA TYR A 447 -2.86 4.57 24.17
C TYR A 447 -2.49 5.71 23.18
N PRO A 448 -3.06 5.71 21.96
CA PRO A 448 -2.87 6.86 21.05
C PRO A 448 -3.15 8.18 21.73
N LYS A 449 -4.30 8.31 22.36
CA LYS A 449 -4.63 9.59 22.96
C LYS A 449 -3.72 9.93 24.11
N LEU A 450 -3.32 8.91 24.87
CA LEU A 450 -2.54 9.15 26.06
C LEU A 450 -1.15 9.66 25.70
N PHE A 451 -0.56 9.04 24.69
CA PHE A 451 0.81 9.32 24.34
C PHE A 451 0.96 10.58 23.56
N SER A 452 -0.18 11.08 23.12
CA SER A 452 -0.26 12.35 22.48
C SER A 452 -0.80 13.37 23.47
N SER A 453 -0.83 13.01 24.74
CA SER A 453 -1.10 13.95 25.84
C SER A 453 0.19 14.20 26.59
N VAL A 454 1.26 13.60 26.13
CA VAL A 454 2.54 13.77 26.76
C VAL A 454 3.23 15.06 26.29
N LYS A 455 3.73 15.83 27.25
CA LYS A 455 4.58 16.99 27.01
C LYS A 455 5.97 16.44 26.74
N TRP A 456 6.25 16.23 25.47
CA TRP A 456 7.48 15.56 25.07
C TRP A 456 8.71 16.47 25.21
N GLY A 457 8.46 17.78 25.29
CA GLY A 457 9.54 18.75 25.47
C GLY A 457 9.82 19.06 26.92
N GLN A 458 9.54 18.09 27.80
CA GLN A 458 9.86 18.17 29.21
C GLN A 458 10.46 16.85 29.65
N GLN A 459 11.71 16.86 30.11
CA GLN A 459 12.45 15.60 30.30
C GLN A 459 11.85 14.69 31.38
N GLU A 460 11.58 15.25 32.54
CA GLU A 460 11.11 14.45 33.67
C GLU A 460 9.70 13.84 33.41
N ILE A 461 9.00 14.36 32.41
CA ILE A 461 7.72 13.81 32.01
C ILE A 461 7.93 12.63 31.06
N VAL A 462 8.86 12.77 30.13
CA VAL A 462 9.21 11.67 29.25
C VAL A 462 9.62 10.50 30.11
N ALA A 463 10.42 10.80 31.12
CA ALA A 463 10.87 9.81 32.08
C ALA A 463 9.70 9.12 32.78
N LYS A 464 8.69 9.91 33.14
CA LYS A 464 7.48 9.35 33.75
C LYS A 464 6.72 8.47 32.78
N THR A 465 6.69 8.88 31.51
CA THR A 465 6.08 8.12 30.42
C THR A 465 6.75 6.75 30.22
N TYR A 466 8.07 6.72 30.34
CA TYR A 466 8.81 5.46 30.25
C TYR A 466 8.53 4.54 31.42
N GLN A 467 8.45 5.11 32.62
CA GLN A 467 8.18 4.29 33.79
C GLN A 467 6.81 3.67 33.67
N LEU A 468 5.93 4.45 33.05
CA LEU A 468 4.60 4.03 32.69
C LEU A 468 4.64 2.78 31.79
N LEU A 469 5.32 2.89 30.65
CA LEU A 469 5.43 1.81 29.66
C LEU A 469 5.97 0.46 30.17
N ALA A 470 6.33 0.40 31.45
CA ALA A 470 6.85 -0.83 32.03
C ALA A 470 5.76 -1.60 32.76
N ARG A 471 4.54 -1.05 32.73
CA ARG A 471 3.36 -1.68 33.36
C ARG A 471 2.49 -2.19 32.24
N ARG A 472 3.14 -2.79 31.24
CA ARG A 472 2.50 -3.08 29.97
C ARG A 472 1.71 -4.38 29.97
N GLU A 473 1.45 -4.93 31.16
CA GLU A 473 0.67 -6.16 31.30
C GLU A 473 -0.63 -6.14 30.49
N VAL A 474 -1.37 -5.04 30.57
CA VAL A 474 -2.66 -4.92 29.87
C VAL A 474 -2.49 -4.86 28.36
N TRP A 475 -1.59 -3.99 27.90
CA TRP A 475 -1.24 -3.89 26.49
C TRP A 475 -0.76 -5.23 25.92
N ASP A 476 0.14 -5.87 26.67
CA ASP A 476 0.73 -7.13 26.26
C ASP A 476 -0.30 -8.22 26.15
N GLN A 477 -1.37 -8.12 26.94
CA GLN A 477 -2.35 -9.19 26.98
C GLN A 477 -3.67 -8.98 26.24
N SER A 478 -3.90 -7.76 25.76
CA SER A 478 -5.08 -7.49 24.93
C SER A 478 -4.84 -8.04 23.53
N ALA A 479 -5.91 -8.32 22.81
CA ALA A 479 -5.81 -8.89 21.47
C ALA A 479 -5.31 -7.83 20.52
N LEU A 480 -4.71 -8.29 19.44
CA LEU A 480 -4.06 -7.45 18.46
C LEU A 480 -5.08 -6.67 17.63
N ASP A 481 -5.12 -5.36 17.86
CA ASP A 481 -5.97 -4.47 17.09
C ASP A 481 -5.04 -3.73 16.11
N VAL A 482 -5.22 -3.99 14.83
CA VAL A 482 -4.27 -3.47 13.87
C VAL A 482 -4.39 -1.96 13.74
N GLY A 483 -5.62 -1.48 13.71
CA GLY A 483 -5.92 -0.06 13.72
C GLY A 483 -5.38 0.70 14.91
N LEU A 484 -5.34 0.05 16.06
CA LEU A 484 -4.66 0.62 17.22
C LEU A 484 -3.17 0.70 16.92
N THR A 485 -2.61 -0.40 16.46
CA THR A 485 -1.20 -0.52 16.21
C THR A 485 -0.73 0.48 15.13
N MET A 486 -1.50 0.61 14.05
CA MET A 486 -1.15 1.57 13.02
C MET A 486 -1.07 2.98 13.60
N GLN A 487 -2.00 3.32 14.51
CA GLN A 487 -2.08 4.72 14.99
C GLN A 487 -0.79 5.12 15.64
N LEU A 488 -0.14 4.17 16.31
CA LEU A 488 1.06 4.45 17.05
C LEU A 488 2.29 4.53 16.13
N LEU A 489 2.10 4.12 14.87
CA LEU A 489 3.15 4.15 13.86
C LEU A 489 3.02 5.33 12.89
N ASP A 490 2.10 6.25 13.13
CA ASP A 490 1.89 7.34 12.19
C ASP A 490 2.72 8.61 12.51
N CYS A 491 2.37 9.73 11.86
CA CYS A 491 3.19 10.95 11.96
C CYS A 491 3.11 11.62 13.33
N ASN A 492 2.14 11.20 14.14
CA ASN A 492 1.91 11.76 15.48
C ASN A 492 2.80 11.21 16.59
N PHE A 493 3.64 10.22 16.30
CA PHE A 493 4.41 9.60 17.38
C PHE A 493 5.85 9.44 16.93
N SER A 494 6.77 10.10 17.61
CA SER A 494 8.15 10.04 17.19
C SER A 494 8.96 9.43 18.29
N ASP A 495 8.28 8.98 19.32
CA ASP A 495 9.00 8.33 20.39
C ASP A 495 9.29 6.87 20.10
N GLU A 496 10.52 6.49 20.34
CA GLU A 496 11.02 5.17 20.02
C GLU A 496 10.26 4.09 20.77
N ASN A 497 10.02 4.31 22.05
CA ASN A 497 9.41 3.30 22.89
C ASN A 497 7.91 3.19 22.64
N VAL A 498 7.25 4.32 22.43
CA VAL A 498 5.85 4.27 22.03
C VAL A 498 5.75 3.35 20.82
N ARG A 499 6.53 3.68 19.79
CA ARG A 499 6.49 3.01 18.51
C ARG A 499 6.86 1.52 18.60
N ALA A 500 7.75 1.17 19.52
CA ALA A 500 8.16 -0.21 19.71
C ALA A 500 7.04 -1.07 20.30
N ILE A 501 6.19 -0.51 21.13
CA ILE A 501 5.07 -1.30 21.63
C ILE A 501 4.09 -1.61 20.50
N ALA A 502 4.07 -0.78 19.45
CA ALA A 502 3.21 -1.12 18.32
C ALA A 502 3.86 -2.23 17.53
N VAL A 503 5.16 -2.10 17.28
CA VAL A 503 5.88 -3.12 16.52
C VAL A 503 5.84 -4.44 17.27
N GLN A 504 5.66 -4.37 18.58
CA GLN A 504 5.56 -5.58 19.40
C GLN A 504 4.31 -6.34 19.02
N LYS A 505 3.20 -5.59 18.96
CA LYS A 505 1.91 -6.20 18.73
C LYS A 505 1.86 -6.86 17.36
N LEU A 506 2.55 -6.26 16.38
CA LEU A 506 2.58 -6.78 15.03
C LEU A 506 3.22 -8.15 14.97
N GLU A 507 4.14 -8.45 15.89
CA GLU A 507 4.93 -9.67 15.81
C GLU A 507 4.04 -10.88 15.72
N SER A 508 2.87 -10.79 16.33
CA SER A 508 1.97 -11.93 16.39
C SER A 508 1.15 -12.08 15.10
N LEU A 509 1.34 -11.15 14.16
CA LEU A 509 0.68 -11.24 12.87
C LEU A 509 1.20 -12.44 12.09
N GLU A 510 0.31 -13.21 11.50
CA GLU A 510 0.72 -14.29 10.62
C GLU A 510 0.85 -13.78 9.18
N ASP A 511 1.77 -14.38 8.42
CA ASP A 511 2.16 -13.90 7.09
C ASP A 511 0.99 -13.44 6.25
N ASP A 512 -0.08 -14.22 6.32
CA ASP A 512 -1.30 -13.92 5.60
C ASP A 512 -1.78 -12.50 5.87
N ASP A 513 -1.84 -12.14 7.14
CA ASP A 513 -2.19 -10.80 7.55
C ASP A 513 -1.07 -9.78 7.30
N VAL A 514 0.18 -10.14 7.51
CA VAL A 514 1.26 -9.22 7.21
C VAL A 514 1.09 -8.72 5.77
N LEU A 515 0.92 -9.68 4.86
CA LEU A 515 0.74 -9.42 3.44
C LEU A 515 -0.42 -8.49 3.18
N HIS A 516 -1.42 -8.51 4.06
CA HIS A 516 -2.54 -7.58 3.94
C HIS A 516 -2.14 -6.15 4.25
N TYR A 517 -1.18 -5.98 5.13
CA TYR A 517 -0.86 -4.63 5.60
C TYR A 517 0.51 -4.14 5.13
N LEU A 518 1.19 -4.93 4.33
CA LEU A 518 2.59 -4.74 4.02
C LEU A 518 2.85 -3.37 3.43
N LEU A 519 2.10 -3.07 2.37
CA LEU A 519 2.19 -1.83 1.68
C LEU A 519 2.13 -0.66 2.65
N GLN A 520 1.14 -0.65 3.53
CA GLN A 520 1.05 0.46 4.45
C GLN A 520 2.04 0.41 5.58
N LEU A 521 2.54 -0.76 5.89
CA LEU A 521 3.59 -0.83 6.89
C LEU A 521 4.89 -0.25 6.26
N VAL A 522 5.10 -0.47 4.95
CA VAL A 522 6.25 0.04 4.26
C VAL A 522 6.16 1.58 4.11
N GLN A 523 4.99 2.07 3.72
CA GLN A 523 4.85 3.52 3.65
C GLN A 523 5.08 4.11 5.06
N ALA A 524 4.76 3.34 6.10
CA ALA A 524 4.85 3.86 7.49
C ALA A 524 6.28 4.10 7.96
N VAL A 525 7.23 3.51 7.25
CA VAL A 525 8.65 3.77 7.53
C VAL A 525 8.96 5.25 7.33
N LYS A 526 8.22 5.91 6.45
CA LYS A 526 8.41 7.33 6.21
C LYS A 526 8.23 8.14 7.49
N PHE A 527 7.54 7.62 8.49
CA PHE A 527 7.24 8.38 9.69
C PHE A 527 8.24 8.02 10.76
N GLU A 528 9.16 7.12 10.46
CA GLU A 528 10.19 6.83 11.45
C GLU A 528 11.27 7.98 11.52
N PRO A 529 11.59 8.45 12.73
CA PRO A 529 12.67 9.40 12.88
C PRO A 529 14.04 8.89 12.43
N TYR A 530 14.34 7.59 12.64
CA TYR A 530 15.70 7.09 12.37
C TYR A 530 15.67 5.94 11.40
N HIS A 531 16.67 5.85 10.52
CA HIS A 531 16.69 4.83 9.50
C HIS A 531 16.59 3.42 10.08
N ASP A 532 17.22 3.20 11.22
CA ASP A 532 17.12 1.91 11.92
C ASP A 532 15.98 2.01 12.92
N SER A 533 14.97 1.17 12.79
CA SER A 533 13.85 1.19 13.70
C SER A 533 13.30 -0.19 13.84
N ALA A 534 12.67 -0.46 14.98
CA ALA A 534 11.84 -1.66 15.15
C ALA A 534 11.04 -2.03 13.89
N LEU A 535 10.46 -1.03 13.21
CA LEU A 535 9.56 -1.32 12.09
C LEU A 535 10.33 -1.71 10.86
N ALA A 536 11.40 -0.97 10.57
CA ALA A 536 12.27 -1.35 9.46
C ALA A 536 12.81 -2.77 9.67
N ARG A 537 13.09 -3.11 10.92
CA ARG A 537 13.63 -4.44 11.19
C ARG A 537 12.54 -5.50 11.20
N PHE A 538 11.33 -5.11 11.58
CA PHE A 538 10.22 -6.03 11.53
C PHE A 538 10.03 -6.40 10.09
N LEU A 539 10.07 -5.42 9.19
CA LEU A 539 9.86 -5.71 7.80
C LEU A 539 10.88 -6.71 7.23
N LEU A 540 12.18 -6.49 7.51
CA LEU A 540 13.24 -7.44 7.14
C LEU A 540 12.87 -8.84 7.55
N LYS A 541 12.86 -9.08 8.87
CA LYS A 541 12.49 -10.37 9.46
C LYS A 541 11.40 -11.05 8.65
N ARG A 542 10.22 -10.43 8.62
CA ARG A 542 9.06 -11.04 7.97
C ARG A 542 9.33 -11.32 6.52
N GLY A 543 10.00 -10.38 5.85
CA GLY A 543 10.31 -10.50 4.44
C GLY A 543 11.28 -11.63 4.19
N LEU A 544 12.24 -11.81 5.08
CA LEU A 544 13.23 -12.84 4.89
C LEU A 544 12.67 -14.19 5.30
N ARG A 545 11.58 -14.19 6.06
CA ARG A 545 11.03 -15.44 6.57
C ARG A 545 10.14 -16.12 5.52
N ASN A 546 9.71 -15.34 4.52
CA ASN A 546 8.71 -15.79 3.55
C ASN A 546 8.94 -15.12 2.18
N LYS A 547 9.02 -15.95 1.15
CA LYS A 547 9.24 -15.49 -0.21
C LYS A 547 8.11 -14.61 -0.75
N ARG A 548 6.86 -14.90 -0.41
CA ARG A 548 5.77 -14.07 -0.93
C ARG A 548 5.85 -12.64 -0.37
N ILE A 549 6.15 -12.51 0.92
CA ILE A 549 6.29 -11.20 1.50
C ILE A 549 7.59 -10.58 1.00
N GLY A 550 8.63 -11.40 0.86
CA GLY A 550 9.93 -10.94 0.38
C GLY A 550 9.81 -10.26 -0.97
N HIS A 551 9.14 -10.94 -1.89
CA HIS A 551 8.89 -10.45 -3.22
C HIS A 551 8.17 -9.10 -3.19
N PHE A 552 7.11 -9.01 -2.39
CA PHE A 552 6.37 -7.75 -2.36
C PHE A 552 7.14 -6.70 -1.62
N LEU A 553 7.95 -7.13 -0.66
CA LEU A 553 8.80 -6.18 0.03
C LEU A 553 9.66 -5.43 -1.01
N PHE A 554 10.35 -6.21 -1.83
CA PHE A 554 11.17 -5.70 -2.93
C PHE A 554 10.47 -4.62 -3.75
N TRP A 555 9.41 -4.99 -4.46
CA TRP A 555 8.69 -4.05 -5.34
C TRP A 555 8.11 -2.85 -4.62
N PHE A 556 7.74 -3.02 -3.36
CA PHE A 556 7.17 -1.90 -2.62
C PHE A 556 8.29 -0.91 -2.32
N LEU A 557 9.39 -1.41 -1.76
CA LEU A 557 10.54 -0.56 -1.50
C LEU A 557 11.08 0.06 -2.79
N ARG A 558 11.26 -0.75 -3.83
CA ARG A 558 11.82 -0.29 -5.09
C ARG A 558 10.95 0.77 -5.74
N SER A 559 9.63 0.61 -5.61
CA SER A 559 8.69 1.64 -6.09
C SER A 559 9.01 3.09 -5.65
N GLU A 560 9.43 3.24 -4.39
CA GLU A 560 9.70 4.54 -3.80
C GLU A 560 11.16 4.95 -4.01
N ILE A 561 12.04 3.96 -4.08
CA ILE A 561 13.42 4.23 -4.29
C ILE A 561 13.58 4.91 -5.65
N ALA A 562 12.84 4.43 -6.64
CA ALA A 562 12.96 4.90 -8.01
C ALA A 562 12.32 6.26 -8.25
N GLN A 563 11.67 6.82 -7.23
CA GLN A 563 10.64 7.80 -7.48
C GLN A 563 10.64 9.01 -6.53
N SER A 564 11.12 8.80 -5.30
CA SER A 564 11.17 9.89 -4.35
C SER A 564 12.57 10.14 -3.83
N ARG A 565 13.01 11.38 -3.90
CA ARG A 565 14.31 11.71 -3.36
C ARG A 565 14.25 11.72 -1.82
N HIS A 566 13.06 12.01 -1.28
CA HIS A 566 12.94 12.26 0.16
C HIS A 566 13.28 11.01 0.98
N TYR A 567 13.04 9.84 0.39
CA TYR A 567 13.15 8.60 1.14
C TYR A 567 13.91 7.51 0.41
N GLN A 568 14.23 7.71 -0.86
CA GLN A 568 15.07 6.72 -1.53
C GLN A 568 16.27 6.20 -0.71
N GLN A 569 16.98 7.04 0.05
CA GLN A 569 18.17 6.53 0.75
C GLN A 569 17.88 5.51 1.82
N ARG A 570 16.95 5.87 2.71
CA ARG A 570 16.47 4.98 3.76
C ARG A 570 15.97 3.64 3.23
N PHE A 571 15.02 3.72 2.30
CA PHE A 571 14.42 2.50 1.77
C PHE A 571 15.48 1.67 1.09
N ALA A 572 16.39 2.33 0.37
CA ALA A 572 17.49 1.62 -0.30
C ALA A 572 18.42 0.87 0.66
N VAL A 573 18.51 1.31 1.89
CA VAL A 573 19.31 0.59 2.85
C VAL A 573 18.57 -0.68 3.32
N ILE A 574 17.23 -0.58 3.41
CA ILE A 574 16.41 -1.67 3.88
C ILE A 574 16.36 -2.68 2.77
N LEU A 575 16.14 -2.20 1.55
CA LEU A 575 16.11 -3.07 0.39
C LEU A 575 17.41 -3.83 0.28
N GLU A 576 18.53 -3.10 0.35
CA GLU A 576 19.84 -3.72 0.33
C GLU A 576 19.86 -4.85 1.35
N ALA A 577 19.60 -4.51 2.61
CA ALA A 577 19.58 -5.49 3.67
C ALA A 577 18.77 -6.75 3.28
N TYR A 578 17.62 -6.57 2.65
CA TYR A 578 16.82 -7.73 2.21
C TYR A 578 17.57 -8.60 1.19
N LEU A 579 18.02 -7.99 0.09
CA LEU A 579 18.62 -8.76 -1.00
C LEU A 579 19.77 -9.61 -0.54
N ARG A 580 20.43 -9.16 0.53
CA ARG A 580 21.56 -9.86 1.08
C ARG A 580 21.15 -11.07 1.90
N GLY A 581 19.84 -11.31 1.96
CA GLY A 581 19.32 -12.41 2.76
C GLY A 581 18.41 -13.35 2.00
N CYS A 582 17.77 -12.82 0.97
CA CYS A 582 16.69 -13.54 0.28
C CYS A 582 17.15 -14.83 -0.38
N GLY A 583 18.45 -14.89 -0.72
CA GLY A 583 19.07 -16.09 -1.29
C GLY A 583 19.27 -16.03 -2.80
N THR A 584 20.19 -16.84 -3.29
CA THR A 584 20.61 -16.85 -4.70
C THR A 584 19.49 -16.92 -5.74
N ALA A 585 18.58 -17.87 -5.55
CA ALA A 585 17.47 -18.07 -6.48
C ALA A 585 16.69 -16.77 -6.66
N MET A 586 16.32 -16.16 -5.54
CA MET A 586 15.44 -14.99 -5.57
C MET A 586 16.09 -13.80 -6.24
N LEU A 587 17.37 -13.58 -5.94
CA LEU A 587 18.17 -12.57 -6.64
C LEU A 587 18.11 -12.76 -8.15
N HIS A 588 18.28 -14.00 -8.58
CA HIS A 588 18.15 -14.38 -9.99
C HIS A 588 16.81 -13.91 -10.56
N ASP A 589 15.74 -14.08 -9.80
CA ASP A 589 14.41 -13.75 -10.33
C ASP A 589 14.23 -12.26 -10.43
N PHE A 590 14.54 -11.55 -9.35
CA PHE A 590 14.49 -10.09 -9.36
C PHE A 590 15.32 -9.53 -10.53
N THR A 591 16.53 -10.06 -10.69
CA THR A 591 17.38 -9.70 -11.80
C THR A 591 16.65 -9.77 -13.16
N GLN A 592 16.05 -10.90 -13.49
CA GLN A 592 15.31 -10.95 -14.76
C GLN A 592 13.94 -10.25 -14.73
N GLN A 593 13.36 -10.07 -13.55
CA GLN A 593 12.16 -9.25 -13.46
C GLN A 593 12.54 -7.81 -13.81
N VAL A 594 13.64 -7.32 -13.22
CA VAL A 594 14.04 -5.93 -13.47
C VAL A 594 14.34 -5.69 -14.96
N GLN A 595 15.11 -6.60 -15.56
CA GLN A 595 15.48 -6.44 -16.96
C GLN A 595 14.31 -6.37 -17.91
N VAL A 596 13.29 -7.17 -17.63
CA VAL A 596 12.11 -7.20 -18.45
C VAL A 596 11.37 -5.86 -18.36
N ILE A 597 11.21 -5.34 -17.15
CA ILE A 597 10.42 -4.11 -17.03
C ILE A 597 11.17 -2.85 -17.48
N GLU A 598 12.49 -2.74 -17.22
CA GLU A 598 13.27 -1.64 -17.81
C GLU A 598 13.14 -1.66 -19.34
N MET A 599 13.26 -2.85 -19.93
CA MET A 599 13.06 -3.03 -21.36
C MET A 599 11.70 -2.55 -21.84
N LEU A 600 10.65 -3.04 -21.18
CA LEU A 600 9.29 -2.83 -21.67
C LEU A 600 8.81 -1.39 -21.47
N GLN A 601 9.35 -0.75 -20.44
CA GLN A 601 9.10 0.67 -20.23
C GLN A 601 9.69 1.50 -21.34
N LYS A 602 10.94 1.19 -21.72
CA LYS A 602 11.62 1.83 -22.85
C LYS A 602 10.63 1.93 -24.00
N VAL A 603 10.07 0.77 -24.33
CA VAL A 603 9.19 0.60 -25.46
C VAL A 603 7.93 1.43 -25.24
N THR A 604 7.44 1.43 -24.00
CA THR A 604 6.24 2.16 -23.65
C THR A 604 6.41 3.66 -23.94
N LEU A 605 7.50 4.22 -23.45
CA LEU A 605 7.85 5.64 -23.66
C LEU A 605 8.06 6.03 -25.12
N ASP A 606 8.82 5.22 -25.85
CA ASP A 606 9.07 5.51 -27.26
C ASP A 606 7.77 5.53 -28.05
N ILE A 607 6.92 4.52 -27.88
CA ILE A 607 5.63 4.48 -28.55
C ILE A 607 4.79 5.73 -28.24
N LYS A 608 4.86 6.21 -27.01
CA LYS A 608 4.06 7.36 -26.59
C LYS A 608 4.50 8.63 -27.31
N SER A 609 5.81 8.74 -27.57
CA SER A 609 6.40 9.86 -28.30
C SER A 609 5.96 9.93 -29.75
N LEU A 610 5.70 8.78 -30.35
CA LEU A 610 5.47 8.68 -31.78
C LEU A 610 4.08 9.11 -32.26
N SER A 611 3.16 9.32 -31.32
CA SER A 611 1.81 9.78 -31.66
C SER A 611 1.50 11.16 -31.09
N ALA A 612 0.75 11.96 -31.86
CA ALA A 612 0.39 13.32 -31.45
C ALA A 612 -0.71 13.38 -30.36
N GLU A 613 -1.25 14.57 -30.12
CA GLU A 613 -2.46 14.74 -29.32
C GLU A 613 -3.63 14.03 -30.01
N LYS A 614 -3.71 14.25 -31.33
CA LYS A 614 -4.55 13.45 -32.21
C LYS A 614 -4.32 11.97 -31.91
N TYR A 615 -5.24 11.40 -31.13
CA TYR A 615 -5.22 9.99 -30.74
C TYR A 615 -6.00 9.11 -31.72
N ASP A 616 -5.28 8.19 -32.37
CA ASP A 616 -5.84 7.41 -33.46
C ASP A 616 -5.38 5.96 -33.44
N VAL A 617 -4.10 5.76 -33.13
CA VAL A 617 -3.40 4.49 -33.34
C VAL A 617 -3.29 4.24 -34.86
N SER A 618 -2.58 5.15 -35.52
CA SER A 618 -2.40 5.10 -36.98
C SER A 618 -1.55 3.90 -37.39
N SER A 619 -1.92 3.26 -38.51
CA SER A 619 -1.25 2.05 -39.01
C SER A 619 0.27 2.10 -38.80
N GLN A 620 0.82 3.30 -38.92
CA GLN A 620 2.23 3.57 -38.65
C GLN A 620 2.67 3.23 -37.21
N VAL A 621 1.81 3.39 -36.20
CA VAL A 621 2.20 3.06 -34.82
C VAL A 621 2.17 1.57 -34.49
N ILE A 622 1.19 0.85 -35.07
CA ILE A 622 1.08 -0.62 -34.96
C ILE A 622 2.32 -1.22 -35.62
N SER A 623 2.79 -0.55 -36.67
CA SER A 623 4.05 -0.89 -37.33
C SER A 623 5.17 -0.88 -36.27
N GLN A 624 5.44 0.30 -35.72
CA GLN A 624 6.50 0.49 -34.72
C GLN A 624 6.48 -0.55 -33.61
N LEU A 625 5.29 -0.76 -33.03
CA LEU A 625 5.11 -1.63 -31.86
C LEU A 625 5.46 -3.07 -32.19
N LYS A 626 4.88 -3.58 -33.28
CA LYS A 626 5.13 -4.95 -33.72
C LYS A 626 6.62 -5.20 -33.87
N GLN A 627 7.28 -4.31 -34.60
CA GLN A 627 8.71 -4.43 -34.89
C GLN A 627 9.57 -4.38 -33.62
N LYS A 628 9.33 -3.39 -32.76
CA LYS A 628 10.10 -3.26 -31.52
C LYS A 628 10.08 -4.54 -30.68
N LEU A 629 8.91 -5.16 -30.59
CA LEU A 629 8.74 -6.38 -29.81
C LEU A 629 9.41 -7.62 -30.38
N GLU A 630 9.40 -7.79 -31.70
CA GLU A 630 10.10 -8.94 -32.31
C GLU A 630 11.63 -8.80 -32.21
N ASN A 631 12.10 -7.56 -32.29
CA ASN A 631 13.49 -7.28 -32.04
C ASN A 631 13.85 -7.68 -30.61
N LEU A 632 13.02 -7.26 -29.67
CA LEU A 632 13.23 -7.53 -28.25
C LEU A 632 13.10 -9.01 -27.89
N GLN A 633 12.19 -9.70 -28.57
CA GLN A 633 11.91 -11.12 -28.32
C GLN A 633 13.15 -12.04 -28.34
N ASN A 634 14.05 -11.82 -29.29
CA ASN A 634 15.25 -12.66 -29.35
C ASN A 634 16.35 -12.35 -28.33
N SER A 635 17.42 -11.70 -28.78
CA SER A 635 18.68 -11.62 -28.04
C SER A 635 18.70 -10.71 -26.79
N GLN A 636 17.55 -10.16 -26.39
CA GLN A 636 17.54 -9.23 -25.23
C GLN A 636 16.64 -9.69 -24.08
N LEU A 637 15.37 -9.94 -24.40
CA LEU A 637 14.35 -10.33 -23.42
C LEU A 637 14.58 -11.74 -22.86
N PRO A 638 14.74 -11.86 -21.51
CA PRO A 638 14.87 -13.17 -20.83
C PRO A 638 13.85 -14.20 -21.31
N GLU A 639 14.24 -15.47 -21.25
CA GLU A 639 13.35 -16.56 -21.63
C GLU A 639 12.01 -16.47 -20.88
N SER A 640 12.06 -16.21 -19.57
CA SER A 640 10.85 -16.12 -18.76
C SER A 640 11.05 -15.30 -17.49
N PHE A 641 9.95 -14.89 -16.85
CA PHE A 641 10.03 -14.01 -15.70
C PHE A 641 8.83 -14.10 -14.79
N ARG A 642 9.05 -13.91 -13.50
CA ARG A 642 7.97 -13.79 -12.54
C ARG A 642 7.17 -12.54 -12.82
N VAL A 643 5.85 -12.69 -12.77
CA VAL A 643 4.96 -11.59 -13.00
C VAL A 643 5.00 -10.88 -11.68
N PRO A 644 5.58 -9.66 -11.64
CA PRO A 644 5.75 -8.91 -10.39
C PRO A 644 4.56 -8.94 -9.42
N TYR A 645 3.33 -8.82 -9.93
CA TYR A 645 2.16 -8.68 -9.07
C TYR A 645 1.38 -10.00 -8.80
N ASP A 646 1.91 -11.12 -9.31
CA ASP A 646 1.41 -12.48 -9.08
C ASP A 646 2.63 -13.37 -9.22
N PRO A 647 3.44 -13.43 -8.15
CA PRO A 647 4.71 -14.15 -8.13
C PRO A 647 4.57 -15.65 -8.34
N GLY A 648 3.35 -16.15 -8.40
CA GLY A 648 3.14 -17.53 -8.76
C GLY A 648 3.44 -17.73 -10.23
N LEU A 649 2.94 -16.82 -11.05
CA LEU A 649 3.05 -16.93 -12.49
C LEU A 649 4.43 -16.61 -13.04
N LYS A 650 5.04 -17.60 -13.68
CA LYS A 650 6.25 -17.42 -14.49
C LYS A 650 5.80 -17.19 -15.94
N ALA A 651 6.08 -16.01 -16.50
CA ALA A 651 5.67 -15.65 -17.87
C ALA A 651 6.72 -15.92 -18.94
N GLY A 652 6.27 -16.38 -20.10
CA GLY A 652 7.15 -16.74 -21.20
C GLY A 652 7.23 -15.74 -22.33
N ALA A 653 6.94 -16.20 -23.54
CA ALA A 653 7.17 -15.41 -24.74
C ALA A 653 6.02 -14.46 -25.03
N LEU A 654 6.33 -13.29 -25.56
CA LEU A 654 5.29 -12.37 -26.05
C LEU A 654 4.39 -13.02 -27.11
N ALA A 655 3.08 -12.81 -27.00
CA ALA A 655 2.15 -13.14 -28.08
C ALA A 655 2.02 -11.90 -28.94
N ILE A 656 3.11 -11.61 -29.64
CA ILE A 656 3.25 -10.42 -30.47
C ILE A 656 1.97 -9.96 -31.20
N GLU A 657 1.15 -10.89 -31.69
CA GLU A 657 -0.05 -10.48 -32.45
C GLU A 657 -1.11 -9.80 -31.58
N LYS A 658 -1.06 -10.08 -30.28
CA LYS A 658 -2.09 -9.61 -29.34
C LYS A 658 -1.74 -8.27 -28.70
N CYS A 659 -0.45 -7.92 -28.73
CA CYS A 659 0.03 -6.66 -28.19
C CYS A 659 -0.45 -5.44 -28.98
N LYS A 660 -0.92 -4.42 -28.27
CA LYS A 660 -1.51 -3.24 -28.92
C LYS A 660 -1.29 -1.96 -28.11
N VAL A 661 -1.99 -0.89 -28.47
CA VAL A 661 -1.88 0.40 -27.78
C VAL A 661 -3.25 1.08 -27.71
N MET A 662 -3.55 1.75 -26.60
CA MET A 662 -4.84 2.40 -26.48
C MET A 662 -4.98 3.71 -27.29
N ALA A 663 -6.17 3.90 -27.86
CA ALA A 663 -6.51 5.12 -28.58
C ALA A 663 -6.77 6.25 -27.59
N SER A 664 -5.70 6.84 -27.08
CA SER A 664 -5.77 7.69 -25.89
C SER A 664 -4.60 8.66 -25.77
N LYS A 665 -4.83 9.81 -25.13
CA LYS A 665 -3.81 10.86 -24.95
C LYS A 665 -2.53 10.32 -24.34
N LYS A 666 -2.67 9.53 -23.28
CA LYS A 666 -1.58 8.67 -22.79
C LYS A 666 -1.65 7.43 -23.66
N LYS A 667 -0.51 6.79 -23.92
CA LYS A 667 -0.55 5.66 -24.85
C LYS A 667 0.01 4.41 -24.20
N PRO A 668 -0.84 3.72 -23.40
CA PRO A 668 -0.41 2.54 -22.70
C PRO A 668 -0.29 1.34 -23.62
N LEU A 669 0.69 0.50 -23.34
CA LEU A 669 0.78 -0.80 -23.98
C LEU A 669 -0.21 -1.79 -23.35
N TRP A 670 -0.76 -2.67 -24.19
CA TRP A 670 -1.49 -3.83 -23.78
C TRP A 670 -0.63 -4.97 -24.25
N LEU A 671 -0.01 -5.68 -23.32
CA LEU A 671 0.92 -6.73 -23.67
C LEU A 671 0.43 -8.06 -23.17
N GLU A 672 0.66 -9.13 -23.95
CA GLU A 672 0.20 -10.46 -23.55
C GLU A 672 1.33 -11.48 -23.68
N PHE A 673 1.43 -12.38 -22.68
CA PHE A 673 2.51 -13.35 -22.59
C PHE A 673 2.02 -14.78 -22.48
N LYS A 674 2.84 -15.70 -22.99
CA LYS A 674 2.64 -17.14 -22.86
C LYS A 674 3.18 -17.59 -21.50
N CYS A 675 2.72 -18.73 -21.03
CA CYS A 675 3.06 -19.23 -19.70
C CYS A 675 4.22 -20.23 -19.72
N ALA A 676 5.37 -19.80 -19.22
CA ALA A 676 6.58 -20.64 -19.16
C ALA A 676 6.37 -22.07 -18.62
N ASP A 677 5.30 -22.30 -17.89
CA ASP A 677 5.11 -23.60 -17.24
C ASP A 677 4.33 -24.55 -18.14
N PRO A 678 4.98 -25.65 -18.57
CA PRO A 678 4.27 -26.52 -19.52
C PRO A 678 3.12 -27.24 -18.82
N THR A 679 3.20 -27.39 -17.50
CA THR A 679 2.15 -28.07 -16.73
C THR A 679 0.91 -27.20 -16.53
N ALA A 680 0.96 -25.97 -17.09
CA ALA A 680 -0.20 -25.07 -17.06
C ALA A 680 -1.42 -25.73 -17.67
N LEU A 681 -2.45 -25.89 -16.84
CA LEU A 681 -3.75 -26.45 -17.22
C LEU A 681 -4.42 -25.78 -18.43
N SER A 682 -4.12 -24.51 -18.65
CA SER A 682 -4.79 -23.70 -19.69
C SER A 682 -3.81 -23.30 -20.80
N ASN A 683 -4.29 -22.46 -21.72
CA ASN A 683 -3.44 -21.84 -22.74
C ASN A 683 -3.67 -20.33 -22.83
N GLU A 684 -4.33 -19.77 -21.81
CA GLU A 684 -4.65 -18.33 -21.75
C GLU A 684 -3.43 -17.48 -21.44
N THR A 685 -3.38 -16.29 -22.03
CA THR A 685 -2.20 -15.46 -21.94
C THR A 685 -2.13 -14.69 -20.63
N ILE A 686 -0.92 -14.30 -20.24
CA ILE A 686 -0.72 -13.41 -19.13
C ILE A 686 -0.74 -11.99 -19.68
N GLY A 687 -1.73 -11.21 -19.27
CA GLY A 687 -1.88 -9.85 -19.75
C GLY A 687 -1.30 -8.83 -18.80
N ILE A 688 -0.49 -7.91 -19.32
CA ILE A 688 0.05 -6.77 -18.56
C ILE A 688 -0.11 -5.46 -19.35
N ILE A 689 -0.67 -4.44 -18.71
CA ILE A 689 -0.73 -3.10 -19.30
C ILE A 689 0.44 -2.31 -18.75
N PHE A 690 1.24 -1.72 -19.64
CA PHE A 690 2.30 -0.81 -19.23
C PHE A 690 1.89 0.60 -19.59
N LYS A 691 2.05 1.50 -18.63
CA LYS A 691 1.46 2.81 -18.73
C LYS A 691 2.36 3.83 -18.10
N HIS A 692 2.53 4.95 -18.83
CA HIS A 692 3.14 6.15 -18.34
C HIS A 692 2.12 7.30 -18.37
N GLY A 693 2.06 8.09 -17.29
CA GLY A 693 1.13 9.21 -17.22
C GLY A 693 0.41 9.41 -15.91
N ASP A 694 -0.07 8.30 -15.32
CA ASP A 694 -0.74 8.29 -14.02
C ASP A 694 0.23 7.99 -12.87
N ASP A 695 0.00 8.59 -11.71
CA ASP A 695 0.72 8.15 -10.51
C ASP A 695 0.10 6.87 -9.93
N LEU A 696 0.56 5.74 -10.44
CA LEU A 696 0.21 4.40 -9.96
C LEU A 696 0.51 4.12 -8.49
N ARG A 697 1.17 5.03 -7.79
CA ARG A 697 1.35 4.80 -6.36
C ARG A 697 0.00 4.91 -5.73
N GLN A 698 -0.78 5.83 -6.25
CA GLN A 698 -2.11 6.06 -5.77
C GLN A 698 -2.99 4.82 -5.98
N ASP A 699 -2.89 4.26 -7.19
CA ASP A 699 -3.62 3.05 -7.49
C ASP A 699 -3.23 1.94 -6.52
N MET A 700 -1.95 1.80 -6.19
CA MET A 700 -1.52 0.73 -5.29
C MET A 700 -2.20 0.87 -3.96
N LEU A 701 -2.20 2.10 -3.45
CA LEU A 701 -2.77 2.37 -2.16
C LEU A 701 -4.24 2.03 -2.13
N ILE A 702 -4.99 2.50 -3.15
CA ILE A 702 -6.43 2.29 -3.13
C ILE A 702 -6.77 0.81 -3.28
N LEU A 703 -6.10 0.14 -4.21
CA LEU A 703 -6.30 -1.27 -4.47
C LEU A 703 -6.13 -2.10 -3.20
N GLN A 704 -5.09 -1.77 -2.43
CA GLN A 704 -4.75 -2.56 -1.26
C GLN A 704 -5.77 -2.28 -0.12
N ILE A 705 -6.44 -1.15 -0.14
CA ILE A 705 -7.43 -0.94 0.87
C ILE A 705 -8.63 -1.82 0.47
N LEU A 706 -8.90 -1.83 -0.82
CA LEU A 706 -9.94 -2.70 -1.39
C LEU A 706 -9.81 -4.16 -0.91
N ARG A 707 -8.58 -4.67 -0.77
CA ARG A 707 -8.36 -6.01 -0.25
C ARG A 707 -8.60 -6.07 1.26
N ILE A 708 -8.06 -5.10 1.96
CA ILE A 708 -8.32 -5.00 3.38
C ILE A 708 -9.84 -5.08 3.63
N MET A 709 -10.59 -4.43 2.75
CA MET A 709 -12.02 -4.27 2.90
C MET A 709 -12.67 -5.64 2.73
N GLU A 710 -12.31 -6.30 1.62
CA GLU A 710 -12.66 -7.67 1.41
C GLU A 710 -12.38 -8.54 2.63
N SER A 711 -11.18 -8.45 3.18
CA SER A 711 -10.86 -9.27 4.32
C SER A 711 -11.78 -8.92 5.50
N ILE A 712 -12.19 -7.66 5.61
CA ILE A 712 -13.02 -7.22 6.72
C ILE A 712 -14.37 -7.90 6.57
N TRP A 713 -14.81 -7.97 5.32
CA TRP A 713 -16.06 -8.57 4.96
C TRP A 713 -16.07 -10.07 5.23
N GLU A 714 -14.96 -10.73 4.93
CA GLU A 714 -14.78 -12.15 5.25
C GLU A 714 -15.14 -12.41 6.71
N THR A 715 -14.63 -11.57 7.62
CA THR A 715 -14.84 -11.76 9.08
C THR A 715 -16.33 -11.86 9.45
N GLU A 716 -17.19 -11.37 8.56
CA GLU A 716 -18.62 -11.47 8.75
C GLU A 716 -19.27 -12.26 7.62
N SER A 717 -18.50 -13.16 7.02
CA SER A 717 -19.00 -14.12 6.02
C SER A 717 -19.66 -13.49 4.79
N LEU A 718 -19.30 -12.24 4.49
CA LEU A 718 -19.68 -11.61 3.22
C LEU A 718 -18.59 -11.81 2.16
N ASP A 719 -19.03 -11.77 0.91
CA ASP A 719 -18.15 -11.80 -0.25
C ASP A 719 -18.79 -10.83 -1.23
N LEU A 720 -18.02 -9.85 -1.70
CA LEU A 720 -18.59 -8.83 -2.56
C LEU A 720 -17.90 -8.77 -3.88
N CYS A 721 -17.24 -9.87 -4.23
CA CYS A 721 -16.66 -10.08 -5.55
C CYS A 721 -15.86 -8.92 -6.13
N LEU A 722 -15.25 -8.10 -5.27
CA LEU A 722 -14.41 -7.02 -5.78
C LEU A 722 -13.34 -7.65 -6.65
N LEU A 723 -12.85 -6.91 -7.63
CA LEU A 723 -11.73 -7.39 -8.38
C LEU A 723 -10.54 -6.41 -8.27
N PRO A 724 -9.72 -6.54 -7.21
CA PRO A 724 -8.55 -5.68 -7.08
C PRO A 724 -7.35 -6.24 -7.85
N TYR A 725 -7.31 -5.93 -9.13
CA TYR A 725 -6.24 -6.38 -10.00
C TYR A 725 -4.87 -5.89 -9.55
N GLY A 726 -3.84 -6.61 -9.99
CA GLY A 726 -2.46 -6.27 -9.70
C GLY A 726 -2.06 -4.95 -10.33
N CYS A 727 -1.39 -4.14 -9.53
CA CYS A 727 -0.86 -2.88 -9.99
C CYS A 727 0.47 -2.63 -9.31
N ILE A 728 1.50 -2.26 -10.07
CA ILE A 728 2.80 -1.91 -9.46
C ILE A 728 3.40 -0.64 -10.02
N SER A 729 3.85 0.23 -9.13
CA SER A 729 4.64 1.38 -9.51
C SER A 729 6.09 0.94 -9.72
N THR A 730 6.60 1.30 -10.88
CA THR A 730 7.96 0.89 -11.20
C THR A 730 8.95 2.04 -11.10
N GLY A 731 8.44 3.26 -11.34
CA GLY A 731 9.18 4.52 -11.30
C GLY A 731 8.26 5.72 -11.51
N ASP A 732 8.80 6.85 -11.96
CA ASP A 732 8.05 8.12 -12.05
C ASP A 732 6.90 8.13 -13.07
N LYS A 733 5.69 8.32 -12.55
CA LYS A 733 4.41 8.19 -13.30
C LYS A 733 4.37 7.02 -14.29
N ILE A 734 5.02 5.93 -13.92
CA ILE A 734 5.06 4.77 -14.79
C ILE A 734 4.82 3.46 -14.01
N GLY A 735 4.32 2.44 -14.69
CA GLY A 735 4.12 1.16 -14.06
C GLY A 735 3.27 0.18 -14.80
N MET A 736 2.99 -0.95 -14.15
CA MET A 736 2.19 -2.00 -14.76
C MET A 736 0.86 -2.30 -14.07
N ILE A 737 -0.02 -2.93 -14.84
CA ILE A 737 -1.37 -3.22 -14.41
C ILE A 737 -1.78 -4.57 -14.96
N GLU A 738 -2.40 -5.38 -14.11
CA GLU A 738 -2.92 -6.68 -14.54
C GLU A 738 -4.05 -6.52 -15.54
N ILE A 739 -3.95 -7.24 -16.66
CA ILE A 739 -5.09 -7.32 -17.55
C ILE A 739 -6.11 -8.29 -16.97
N VAL A 740 -7.32 -7.80 -16.79
CA VAL A 740 -8.43 -8.62 -16.45
C VAL A 740 -9.02 -9.13 -17.74
N LYS A 741 -8.94 -10.44 -17.90
CA LYS A 741 -9.46 -11.12 -19.07
C LYS A 741 -10.98 -11.00 -19.18
N ASP A 742 -11.47 -10.93 -20.42
CA ASP A 742 -12.90 -10.91 -20.75
C ASP A 742 -13.75 -9.72 -20.20
N ALA A 743 -13.13 -8.56 -19.99
CA ALA A 743 -13.85 -7.35 -19.53
C ALA A 743 -13.80 -6.16 -20.52
N THR A 744 -14.85 -5.31 -20.53
CA THR A 744 -14.83 -4.03 -21.29
C THR A 744 -15.25 -2.93 -20.36
N THR A 745 -15.44 -1.73 -20.91
CA THR A 745 -15.82 -0.59 -20.09
C THR A 745 -17.26 -0.37 -20.33
N ILE A 746 -17.98 0.06 -19.30
CA ILE A 746 -19.40 0.38 -19.48
C ILE A 746 -19.54 1.34 -20.66
N ALA A 747 -18.60 2.28 -20.78
CA ALA A 747 -18.56 3.22 -21.89
C ALA A 747 -18.62 2.53 -23.25
N LYS A 748 -17.75 1.54 -23.47
CA LYS A 748 -17.73 0.81 -24.76
C LYS A 748 -19.06 0.10 -25.00
N ILE A 749 -19.64 -0.47 -23.94
CA ILE A 749 -20.97 -1.07 -24.01
C ILE A 749 -22.06 -0.03 -24.36
N GLN A 750 -21.73 1.25 -24.19
CA GLN A 750 -22.62 2.34 -24.58
C GLN A 750 -22.26 2.94 -25.96
N GLN A 751 -21.00 2.80 -26.38
CA GLN A 751 -20.57 3.18 -27.73
C GLN A 751 -21.14 2.24 -28.78
N SER A 752 -21.19 0.95 -28.43
CA SER A 752 -21.61 -0.14 -29.32
C SER A 752 -22.97 0.07 -29.96
N THR A 753 -24.03 -0.02 -29.15
CA THR A 753 -25.40 -0.03 -29.67
C THR A 753 -26.06 1.36 -29.77
N VAL A 754 -25.61 2.30 -28.93
CA VAL A 754 -26.28 3.61 -28.81
C VAL A 754 -25.60 4.77 -29.59
N GLY A 755 -24.29 4.66 -29.82
CA GLY A 755 -23.54 5.69 -30.54
C GLY A 755 -22.50 6.39 -29.68
N ASN A 756 -22.00 7.54 -30.15
CA ASN A 756 -20.97 8.28 -29.40
C ASN A 756 -20.95 9.81 -29.57
N THR A 757 -21.88 10.47 -28.88
CA THR A 757 -21.76 11.90 -28.60
C THR A 757 -22.38 12.11 -27.23
N GLY A 758 -22.02 11.20 -26.31
CA GLY A 758 -22.57 11.20 -24.96
C GLY A 758 -24.02 10.76 -24.88
N ALA A 759 -24.50 10.03 -25.90
CA ALA A 759 -25.85 9.47 -25.91
C ALA A 759 -25.96 8.32 -24.90
N PHE A 760 -27.16 8.09 -24.36
CA PHE A 760 -27.37 7.04 -23.33
C PHE A 760 -28.67 6.27 -23.40
N LYS A 761 -28.56 4.94 -23.35
CA LYS A 761 -29.72 4.05 -23.26
C LYS A 761 -29.51 2.98 -22.18
N ASP A 762 -30.62 2.40 -21.71
CA ASP A 762 -30.64 1.74 -20.41
C ASP A 762 -30.66 0.21 -20.41
N GLU A 763 -31.04 -0.42 -21.52
CA GLU A 763 -31.17 -1.89 -21.55
C GLU A 763 -29.85 -2.58 -21.89
N VAL A 764 -28.98 -1.86 -22.59
CA VAL A 764 -27.79 -2.46 -23.23
C VAL A 764 -26.95 -3.37 -22.34
N LEU A 765 -26.81 -3.04 -21.06
CA LEU A 765 -26.04 -3.89 -20.13
C LEU A 765 -26.55 -5.32 -20.11
N ASN A 766 -27.86 -5.45 -19.94
CA ASN A 766 -28.50 -6.76 -19.91
C ASN A 766 -28.36 -7.51 -21.24
N HIS A 767 -28.47 -6.77 -22.35
CA HIS A 767 -28.31 -7.33 -23.71
C HIS A 767 -26.93 -7.93 -23.89
N TRP A 768 -25.94 -7.13 -23.53
CA TRP A 768 -24.54 -7.50 -23.61
C TRP A 768 -24.26 -8.74 -22.78
N LEU A 769 -24.84 -8.76 -21.58
CA LEU A 769 -24.65 -9.88 -20.65
C LEU A 769 -25.31 -11.15 -21.15
N LYS A 770 -26.56 -11.04 -21.58
CA LYS A 770 -27.25 -12.15 -22.19
C LYS A 770 -26.41 -12.69 -23.35
N GLU A 771 -25.91 -11.80 -24.20
CA GLU A 771 -25.19 -12.22 -25.40
C GLU A 771 -23.81 -12.85 -25.16
N LYS A 772 -23.26 -12.66 -23.97
CA LYS A 772 -21.96 -13.28 -23.64
C LYS A 772 -22.13 -14.49 -22.72
N SER A 773 -23.38 -14.90 -22.50
CA SER A 773 -23.67 -16.11 -21.74
C SER A 773 -24.15 -17.25 -22.66
N PRO A 774 -23.38 -18.35 -22.72
CA PRO A 774 -23.67 -19.56 -23.54
C PRO A 774 -25.01 -20.25 -23.23
N THR A 775 -25.39 -20.26 -21.95
CA THR A 775 -26.72 -20.68 -21.53
C THR A 775 -27.33 -19.63 -20.63
N GLU A 776 -28.63 -19.39 -20.78
CA GLU A 776 -29.36 -18.38 -20.02
C GLU A 776 -29.22 -18.58 -18.51
N GLU A 777 -28.46 -19.62 -18.14
CA GLU A 777 -28.18 -19.90 -16.75
C GLU A 777 -26.89 -19.23 -16.28
N LYS A 778 -25.80 -19.42 -17.01
CA LYS A 778 -24.57 -18.69 -16.70
C LYS A 778 -24.97 -17.21 -16.58
N PHE A 779 -25.94 -16.80 -17.40
CA PHE A 779 -26.53 -15.47 -17.33
C PHE A 779 -27.07 -15.13 -15.94
N GLN A 780 -27.90 -16.00 -15.37
CA GLN A 780 -28.38 -15.83 -14.00
C GLN A 780 -27.18 -15.52 -13.09
N ALA A 781 -26.16 -16.39 -13.16
CA ALA A 781 -24.96 -16.26 -12.36
C ALA A 781 -24.26 -14.90 -12.57
N ALA A 782 -24.40 -14.36 -13.77
CA ALA A 782 -23.88 -13.03 -14.13
C ALA A 782 -24.66 -11.88 -13.51
N VAL A 783 -25.97 -12.01 -13.42
CA VAL A 783 -26.78 -10.99 -12.74
C VAL A 783 -26.43 -11.02 -11.27
N GLU A 784 -26.18 -12.21 -10.74
CA GLU A 784 -25.89 -12.39 -9.33
C GLU A 784 -24.48 -11.88 -9.00
N ARG A 785 -23.54 -12.17 -9.88
CA ARG A 785 -22.23 -11.56 -9.83
C ARG A 785 -22.40 -10.04 -9.82
N PHE A 786 -23.23 -9.54 -10.74
CA PHE A 786 -23.41 -8.11 -10.90
C PHE A 786 -23.93 -7.41 -9.65
N VAL A 787 -24.99 -7.93 -9.04
CA VAL A 787 -25.60 -7.28 -7.88
C VAL A 787 -24.61 -7.13 -6.73
N TYR A 788 -23.83 -8.18 -6.51
CA TYR A 788 -22.85 -8.26 -5.43
C TYR A 788 -21.64 -7.35 -5.70
N SER A 789 -21.11 -7.43 -6.92
CA SER A 789 -19.95 -6.63 -7.32
C SER A 789 -20.29 -5.15 -7.40
N CYS A 790 -21.43 -4.81 -8.01
CA CYS A 790 -21.92 -3.43 -7.95
C CYS A 790 -21.94 -2.93 -6.51
N ALA A 791 -22.61 -3.67 -5.63
CA ALA A 791 -22.81 -3.25 -4.25
C ALA A 791 -21.49 -2.95 -3.54
N GLY A 792 -20.56 -3.92 -3.60
CA GLY A 792 -19.24 -3.74 -3.03
C GLY A 792 -18.58 -2.42 -3.38
N TYR A 793 -18.49 -2.11 -4.68
CA TYR A 793 -17.82 -0.89 -5.16
C TYR A 793 -18.59 0.38 -4.80
N CYS A 794 -19.93 0.28 -4.76
CA CYS A 794 -20.73 1.36 -4.22
C CYS A 794 -20.30 1.71 -2.77
N VAL A 795 -20.00 0.70 -1.96
CA VAL A 795 -19.68 0.95 -0.55
C VAL A 795 -18.24 1.44 -0.38
N ALA A 796 -17.32 0.66 -0.91
CA ALA A 796 -15.88 0.94 -0.88
C ALA A 796 -15.62 2.31 -1.41
N THR A 797 -16.19 2.56 -2.57
CA THR A 797 -16.04 3.81 -3.27
C THR A 797 -16.56 5.00 -2.45
N PHE A 798 -17.68 4.84 -1.76
CA PHE A 798 -18.21 5.96 -0.97
C PHE A 798 -17.28 6.30 0.17
N VAL A 799 -16.78 5.25 0.84
CA VAL A 799 -15.98 5.39 2.04
C VAL A 799 -14.71 6.18 1.74
N LEU A 800 -14.15 5.89 0.57
CA LEU A 800 -12.92 6.51 0.11
C LEU A 800 -13.19 7.75 -0.70
N GLY A 801 -14.45 8.05 -0.94
CA GLY A 801 -14.82 9.27 -1.62
C GLY A 801 -14.27 9.36 -3.03
N ILE A 802 -14.16 8.22 -3.68
CA ILE A 802 -13.70 8.17 -5.05
C ILE A 802 -14.80 7.55 -5.90
N GLY A 803 -16.04 7.96 -5.59
CA GLY A 803 -17.23 7.33 -6.14
C GLY A 803 -17.90 8.11 -7.24
N ASP A 804 -17.45 9.35 -7.43
CA ASP A 804 -17.97 10.21 -8.48
C ASP A 804 -17.21 9.96 -9.80
N ARG A 805 -17.39 8.79 -10.41
CA ARG A 805 -16.59 8.39 -11.59
C ARG A 805 -17.37 8.30 -12.89
N HIS A 806 -16.68 8.61 -13.98
CA HIS A 806 -17.21 8.45 -15.33
C HIS A 806 -17.28 6.99 -15.72
N ASN A 807 -18.27 6.63 -16.53
CA ASN A 807 -18.45 5.25 -16.99
C ASN A 807 -17.29 4.60 -17.71
N ASP A 808 -16.38 5.41 -18.26
CA ASP A 808 -15.26 4.90 -19.02
C ASP A 808 -14.18 4.34 -18.09
N ASN A 809 -14.32 4.69 -16.81
CA ASN A 809 -13.43 4.23 -15.75
C ASN A 809 -14.06 3.12 -14.90
N ILE A 810 -15.15 2.52 -15.40
CA ILE A 810 -15.77 1.38 -14.72
C ILE A 810 -15.89 0.24 -15.70
N MET A 811 -15.50 -0.95 -15.24
CA MET A 811 -15.49 -2.11 -16.12
C MET A 811 -16.39 -3.27 -15.65
N ILE A 812 -16.74 -4.15 -16.58
CA ILE A 812 -17.41 -5.42 -16.26
C ILE A 812 -16.79 -6.61 -17.03
N THR A 813 -16.69 -7.77 -16.37
CA THR A 813 -16.36 -9.03 -17.07
C THR A 813 -17.59 -9.62 -17.77
N GLU A 814 -17.31 -10.55 -18.67
CA GLU A 814 -18.37 -11.19 -19.44
C GLU A 814 -19.24 -12.03 -18.53
N THR A 815 -18.68 -12.41 -17.38
CA THR A 815 -19.39 -13.15 -16.34
C THR A 815 -19.97 -12.23 -15.25
N GLY A 816 -20.28 -10.99 -15.61
CA GLY A 816 -20.96 -10.07 -14.70
C GLY A 816 -20.14 -9.40 -13.59
N ASN A 817 -18.83 -9.61 -13.54
CA ASN A 817 -18.05 -8.98 -12.47
C ASN A 817 -17.71 -7.52 -12.80
N LEU A 818 -18.34 -6.59 -12.07
CA LEU A 818 -18.08 -5.16 -12.23
C LEU A 818 -16.84 -4.84 -11.43
N PHE A 819 -16.07 -3.84 -11.88
CA PHE A 819 -14.95 -3.31 -11.09
C PHE A 819 -14.51 -1.92 -11.54
N HIS A 820 -14.30 -1.02 -10.58
CA HIS A 820 -13.74 0.32 -10.87
C HIS A 820 -12.28 0.23 -11.26
N ILE A 821 -11.82 1.15 -12.11
CA ILE A 821 -10.39 1.21 -12.47
C ILE A 821 -9.82 2.62 -12.43
N ASP A 822 -8.57 2.73 -12.88
CA ASP A 822 -7.88 4.00 -13.09
C ASP A 822 -8.03 4.99 -11.94
N PHE A 823 -7.44 4.67 -10.81
CA PHE A 823 -7.57 5.54 -9.66
C PHE A 823 -6.59 6.70 -9.80
N GLY A 824 -6.54 7.21 -11.04
CA GLY A 824 -5.70 8.33 -11.48
C GLY A 824 -5.70 9.47 -10.48
N HIS A 825 -6.87 10.11 -10.34
CA HIS A 825 -7.08 11.05 -9.26
C HIS A 825 -8.54 11.46 -9.05
N GLU A 839 -22.54 19.71 -10.09
CA GLU A 839 -23.29 18.65 -9.41
C GLU A 839 -22.42 17.45 -9.03
N ARG A 840 -22.58 16.97 -7.79
CA ARG A 840 -21.85 15.79 -7.29
C ARG A 840 -22.77 14.58 -7.15
N VAL A 841 -22.19 13.40 -6.95
CA VAL A 841 -22.92 12.15 -6.73
C VAL A 841 -22.08 11.18 -5.88
N PRO A 842 -22.65 10.60 -4.81
CA PRO A 842 -21.90 9.75 -3.89
C PRO A 842 -21.14 8.61 -4.56
N PHE A 843 -21.87 7.78 -5.31
CA PHE A 843 -21.26 6.69 -6.09
C PHE A 843 -21.93 6.52 -7.45
N VAL A 844 -21.56 5.47 -8.19
CA VAL A 844 -22.15 5.25 -9.51
C VAL A 844 -23.19 4.13 -9.51
N LEU A 845 -24.46 4.52 -9.42
CA LEU A 845 -25.56 3.59 -9.54
C LEU A 845 -26.48 4.13 -10.63
N THR A 846 -25.97 4.06 -11.86
CA THR A 846 -26.66 4.61 -13.02
C THR A 846 -27.92 3.81 -13.40
N PRO A 847 -28.82 4.43 -14.18
CA PRO A 847 -30.02 3.74 -14.65
C PRO A 847 -29.73 2.47 -15.44
N ASP A 848 -28.62 2.46 -16.18
CA ASP A 848 -28.26 1.28 -16.98
C ASP A 848 -27.89 0.11 -16.08
N PHE A 849 -27.26 0.41 -14.95
CA PHE A 849 -27.01 -0.58 -13.90
C PHE A 849 -28.34 -1.04 -13.34
N LEU A 850 -29.26 -0.10 -13.16
CA LEU A 850 -30.55 -0.41 -12.56
C LEU A 850 -31.41 -1.38 -13.37
N PHE A 851 -31.38 -1.28 -14.70
CA PHE A 851 -32.19 -2.19 -15.54
C PHE A 851 -31.65 -3.62 -15.52
N VAL A 852 -30.64 -3.85 -14.70
CA VAL A 852 -30.08 -5.16 -14.52
C VAL A 852 -30.58 -5.63 -13.15
N MET A 853 -30.84 -4.66 -12.30
CA MET A 853 -31.45 -4.87 -10.99
C MET A 853 -32.91 -5.23 -11.20
N GLY A 854 -33.46 -4.77 -12.33
CA GLY A 854 -34.85 -5.03 -12.70
C GLY A 854 -35.76 -3.82 -12.53
N THR A 855 -35.17 -2.66 -12.24
CA THR A 855 -35.95 -1.47 -11.86
C THR A 855 -36.01 -0.41 -12.96
N SER A 856 -37.08 0.36 -12.92
CA SER A 856 -37.35 1.40 -13.91
C SER A 856 -37.61 2.73 -13.19
N GLY A 857 -36.59 3.23 -12.49
CA GLY A 857 -36.70 4.52 -11.82
C GLY A 857 -37.44 4.51 -10.49
N LYS A 858 -38.57 3.81 -10.43
CA LYS A 858 -39.41 3.76 -9.22
C LYS A 858 -39.41 2.40 -8.54
N LYS A 859 -39.50 1.35 -9.35
CA LYS A 859 -39.79 -0.03 -8.92
C LYS A 859 -38.80 -0.59 -7.89
N THR A 860 -39.12 -1.76 -7.35
CA THR A 860 -38.24 -2.45 -6.40
C THR A 860 -38.42 -3.95 -6.56
N SER A 861 -37.53 -4.57 -7.34
CA SER A 861 -37.61 -6.00 -7.60
C SER A 861 -36.76 -6.79 -6.60
N PRO A 862 -37.05 -8.10 -6.41
CA PRO A 862 -36.30 -9.00 -5.53
C PRO A 862 -34.79 -8.83 -5.65
N HIS A 863 -34.30 -8.55 -6.86
CA HIS A 863 -32.86 -8.32 -7.06
C HIS A 863 -32.39 -6.94 -6.60
N PHE A 864 -33.27 -5.93 -6.66
CA PHE A 864 -32.90 -4.62 -6.13
C PHE A 864 -32.93 -4.60 -4.61
N GLN A 865 -34.06 -5.01 -4.04
CA GLN A 865 -34.19 -5.19 -2.60
C GLN A 865 -32.91 -5.83 -2.10
N LYS A 866 -32.48 -6.88 -2.80
CA LYS A 866 -31.21 -7.53 -2.53
C LYS A 866 -30.06 -6.55 -2.49
N PHE A 867 -29.90 -5.77 -3.57
CA PHE A 867 -28.76 -4.84 -3.68
C PHE A 867 -28.74 -3.88 -2.49
N GLN A 868 -29.91 -3.32 -2.16
CA GLN A 868 -29.99 -2.44 -0.98
C GLN A 868 -29.64 -3.19 0.30
N ASP A 869 -30.12 -4.42 0.39
CA ASP A 869 -29.80 -5.32 1.51
C ASP A 869 -28.29 -5.44 1.69
N ILE A 870 -27.58 -5.77 0.60
CA ILE A 870 -26.15 -6.12 0.69
C ILE A 870 -25.25 -4.94 1.05
N CYS A 871 -25.65 -3.74 0.61
CA CYS A 871 -24.90 -2.53 0.86
C CYS A 871 -24.85 -2.19 2.35
N VAL A 872 -26.05 -1.97 2.88
CA VAL A 872 -26.27 -1.78 4.30
C VAL A 872 -25.47 -2.79 5.13
N LYS A 873 -25.49 -4.06 4.70
CA LYS A 873 -24.72 -5.14 5.33
C LYS A 873 -23.22 -4.89 5.24
N ALA A 874 -22.78 -4.48 4.05
CA ALA A 874 -21.37 -4.23 3.75
C ALA A 874 -20.91 -2.95 4.45
N TYR A 875 -21.77 -1.93 4.35
CA TYR A 875 -21.50 -0.62 4.91
C TYR A 875 -21.27 -0.68 6.41
N LEU A 876 -22.32 -0.97 7.19
CA LEU A 876 -22.17 -0.98 8.64
C LEU A 876 -21.23 -2.07 9.17
N ALA A 877 -20.82 -2.99 8.29
CA ALA A 877 -19.66 -3.87 8.55
C ALA A 877 -18.31 -3.14 8.48
N LEU A 878 -18.16 -2.20 7.55
CA LEU A 878 -16.90 -1.40 7.55
C LEU A 878 -16.85 -0.54 8.81
N ARG A 879 -18.04 -0.04 9.23
CA ARG A 879 -18.15 0.80 10.43
C ARG A 879 -17.78 0.04 11.69
N HIS A 880 -17.88 -1.30 11.65
CA HIS A 880 -17.36 -2.08 12.79
C HIS A 880 -15.84 -2.04 12.79
N HIS A 881 -15.26 -1.58 11.67
CA HIS A 881 -13.81 -1.48 11.58
C HIS A 881 -13.31 -0.05 11.36
N THR A 882 -14.14 0.89 11.80
CA THR A 882 -13.99 2.34 11.61
C THR A 882 -12.60 2.92 11.92
N ASN A 883 -12.09 2.64 13.11
CA ASN A 883 -10.82 3.14 13.45
C ASN A 883 -9.74 2.72 12.46
N LEU A 884 -9.72 1.45 12.08
CA LEU A 884 -8.74 0.91 11.13
C LEU A 884 -8.80 1.70 9.79
N LEU A 885 -10.00 1.88 9.27
CA LEU A 885 -10.14 2.49 7.98
C LEU A 885 -9.73 3.98 8.02
N ILE A 886 -10.01 4.64 9.13
CA ILE A 886 -9.66 6.04 9.31
C ILE A 886 -8.15 6.20 9.29
N ILE A 887 -7.44 5.42 10.10
CA ILE A 887 -6.00 5.50 10.08
C ILE A 887 -5.36 5.13 8.73
N LEU A 888 -5.85 4.06 8.11
CA LEU A 888 -5.37 3.67 6.81
C LEU A 888 -5.54 4.80 5.83
N PHE A 889 -6.73 5.37 5.82
CA PHE A 889 -7.09 6.37 4.84
C PHE A 889 -6.18 7.60 5.06
N SER A 890 -5.86 7.87 6.31
CA SER A 890 -5.25 9.11 6.68
C SER A 890 -3.76 8.99 6.30
N MET A 891 -3.20 7.82 6.59
CA MET A 891 -1.86 7.42 6.15
C MET A 891 -1.77 7.41 4.63
N MET A 892 -2.75 6.84 3.97
CA MET A 892 -2.82 6.83 2.53
C MET A 892 -2.64 8.24 2.02
N LEU A 893 -3.43 9.16 2.56
CA LEU A 893 -3.38 10.55 2.15
C LEU A 893 -2.00 11.15 2.31
N MET A 894 -1.36 10.89 3.43
CA MET A 894 -0.14 11.58 3.79
C MET A 894 1.09 11.06 3.04
N THR A 895 1.09 9.79 2.70
CA THR A 895 2.26 9.12 2.20
C THR A 895 2.15 8.87 0.70
N GLY A 896 1.02 9.19 0.08
CA GLY A 896 0.82 8.83 -1.32
C GLY A 896 0.08 9.77 -2.25
N MET A 897 -0.42 10.89 -1.75
CA MET A 897 -1.14 11.91 -2.57
C MET A 897 -0.31 13.16 -2.93
N PRO A 898 -0.84 14.02 -3.83
CA PRO A 898 -0.32 15.36 -4.10
C PRO A 898 0.16 16.12 -2.86
N GLN A 899 -0.78 16.79 -2.17
CA GLN A 899 -0.56 17.50 -0.91
C GLN A 899 -1.93 17.72 -0.27
N LEU A 900 -2.08 17.32 1.00
CA LEU A 900 -3.38 17.14 1.63
C LEU A 900 -3.50 17.73 3.04
N THR A 901 -4.62 18.42 3.27
CA THR A 901 -4.81 19.27 4.46
C THR A 901 -5.09 18.51 5.74
N SER A 902 -4.31 18.84 6.78
CA SER A 902 -4.41 18.26 8.16
C SER A 902 -5.78 18.51 8.84
N LYS A 903 -6.83 18.50 8.03
CA LYS A 903 -8.19 18.56 8.49
C LYS A 903 -9.07 18.20 7.30
N GLU A 904 -9.46 19.21 6.53
CA GLU A 904 -10.47 19.07 5.46
C GLU A 904 -10.41 17.77 4.67
N ASP A 905 -9.19 17.29 4.38
CA ASP A 905 -9.05 16.13 3.51
C ASP A 905 -9.32 14.82 4.25
N ILE A 906 -8.56 14.58 5.31
CA ILE A 906 -8.68 13.37 6.11
C ILE A 906 -10.08 13.23 6.70
N GLU A 907 -10.59 14.33 7.25
CA GLU A 907 -11.90 14.34 7.89
C GLU A 907 -13.08 14.22 6.94
N TYR A 908 -12.85 13.63 5.77
CA TYR A 908 -13.98 13.29 4.88
C TYR A 908 -14.55 11.96 5.36
N ILE A 909 -13.64 11.06 5.73
CA ILE A 909 -13.97 9.68 6.00
C ILE A 909 -14.75 9.52 7.30
N ARG A 910 -14.58 10.47 8.22
CA ARG A 910 -15.40 10.53 9.42
C ARG A 910 -16.89 10.52 9.05
N ASP A 911 -17.28 11.48 8.20
CA ASP A 911 -18.66 11.71 7.82
C ASP A 911 -19.21 10.56 7.00
N ALA A 912 -18.35 10.01 6.16
CA ALA A 912 -18.72 8.94 5.27
C ALA A 912 -19.04 7.68 6.06
N LEU A 913 -18.17 7.34 7.01
CA LEU A 913 -18.42 6.22 7.92
C LEU A 913 -19.36 6.68 9.03
N THR A 914 -19.93 7.86 8.82
CA THR A 914 -20.92 8.46 9.70
C THR A 914 -20.67 8.18 11.19
N VAL A 915 -19.42 8.47 11.59
CA VAL A 915 -18.94 8.34 12.93
C VAL A 915 -19.89 8.97 13.92
N GLY A 916 -20.02 8.34 15.08
CA GLY A 916 -20.84 8.86 16.17
C GLY A 916 -22.30 8.42 16.06
N LYS A 917 -22.75 8.11 14.84
CA LYS A 917 -24.13 7.73 14.62
C LYS A 917 -24.44 6.31 15.10
N ASN A 918 -25.68 6.11 15.55
CA ASN A 918 -26.20 4.78 15.87
C ASN A 918 -26.39 3.98 14.59
N GLU A 919 -26.38 2.65 14.70
CA GLU A 919 -26.49 1.78 13.52
C GLU A 919 -27.69 2.18 12.66
N GLU A 920 -28.67 2.77 13.34
CA GLU A 920 -29.98 3.03 12.78
C GLU A 920 -29.90 4.15 11.75
N ASP A 921 -29.48 5.34 12.16
CA ASP A 921 -29.26 6.47 11.26
C ASP A 921 -28.39 6.05 10.07
N ALA A 922 -27.31 5.32 10.36
CA ALA A 922 -26.32 4.89 9.37
C ALA A 922 -26.93 4.23 8.12
N LYS A 923 -27.76 3.20 8.34
CA LYS A 923 -28.49 2.53 7.26
C LYS A 923 -29.34 3.55 6.51
N LYS A 924 -30.00 4.44 7.26
CA LYS A 924 -30.85 5.49 6.69
C LYS A 924 -30.04 6.43 5.81
N TYR A 925 -28.87 6.82 6.31
CA TYR A 925 -27.94 7.70 5.58
C TYR A 925 -27.52 7.08 4.27
N PHE A 926 -27.14 5.81 4.30
CA PHE A 926 -26.69 5.11 3.09
C PHE A 926 -27.82 4.87 2.10
N LEU A 927 -28.98 4.42 2.60
CA LEU A 927 -30.15 4.17 1.76
C LEU A 927 -30.64 5.44 1.04
N ASP A 928 -30.20 6.61 1.53
CA ASP A 928 -30.49 7.88 0.87
C ASP A 928 -29.45 8.26 -0.20
N GLN A 929 -28.19 7.92 0.03
CA GLN A 929 -27.15 8.12 -0.96
C GLN A 929 -27.56 7.46 -2.26
N ILE A 930 -28.00 6.20 -2.16
CA ILE A 930 -28.62 5.49 -3.28
C ILE A 930 -29.62 6.39 -4.00
N GLU A 931 -30.53 6.98 -3.23
CA GLU A 931 -31.62 7.81 -3.77
C GLU A 931 -31.13 9.03 -4.57
N VAL A 932 -29.96 9.57 -4.22
CA VAL A 932 -29.38 10.68 -4.99
C VAL A 932 -28.96 10.21 -6.39
N CYS A 933 -28.55 8.94 -6.50
CA CYS A 933 -28.28 8.29 -7.80
C CYS A 933 -29.57 8.07 -8.60
N ARG A 934 -30.56 7.47 -7.94
CA ARG A 934 -31.89 7.29 -8.50
C ARG A 934 -32.45 8.63 -8.98
N ASP A 935 -32.00 9.71 -8.33
CA ASP A 935 -32.50 11.06 -8.58
C ASP A 935 -31.96 11.68 -9.88
N LYS A 936 -30.65 11.50 -10.11
CA LYS A 936 -29.94 12.27 -11.13
C LYS A 936 -29.56 11.49 -12.40
N GLY A 937 -29.70 10.17 -12.34
CA GLY A 937 -29.42 9.29 -13.50
C GLY A 937 -28.16 9.58 -14.29
N TRP A 938 -28.32 10.39 -15.34
CA TRP A 938 -27.27 10.62 -16.32
C TRP A 938 -26.69 12.04 -16.31
N THR A 939 -27.11 12.84 -15.33
CA THR A 939 -26.67 14.25 -15.19
C THR A 939 -25.16 14.43 -15.32
N VAL A 940 -24.40 13.85 -14.38
CA VAL A 940 -22.95 14.08 -14.30
C VAL A 940 -22.20 13.26 -15.34
N GLN A 941 -22.68 12.05 -15.62
CA GLN A 941 -22.07 11.21 -16.66
C GLN A 941 -21.85 12.04 -17.94
N PHE A 942 -22.95 12.57 -18.50
CA PHE A 942 -22.93 13.40 -19.70
C PHE A 942 -22.01 14.62 -19.56
N ASN A 943 -21.96 15.16 -18.34
CA ASN A 943 -21.21 16.39 -18.05
C ASN A 943 -19.70 16.39 -18.38
N TRP A 944 -19.11 15.22 -18.57
CA TRP A 944 -17.71 15.13 -19.01
C TRP A 944 -17.54 15.81 -20.36
N PHE A 945 -18.42 15.45 -21.29
CA PHE A 945 -18.33 15.91 -22.65
C PHE A 945 -18.89 17.31 -22.80
N LEU A 946 -19.62 17.75 -21.77
CA LEU A 946 -20.11 19.14 -21.72
C LEU A 946 -18.90 20.06 -21.56
N HIS A 947 -18.13 19.80 -20.50
CA HIS A 947 -16.91 20.55 -20.22
C HIS A 947 -15.73 19.93 -20.98
N LEU A 948 -16.00 19.58 -22.24
CA LEU A 948 -14.96 19.38 -23.22
C LEU A 948 -14.48 20.76 -23.65
N VAL A 949 -15.42 21.67 -23.90
CA VAL A 949 -15.12 23.03 -24.39
C VAL A 949 -15.46 24.17 -23.42
N LEU A 950 -15.88 23.84 -22.19
CA LEU A 950 -16.11 24.85 -21.14
C LEU A 950 -15.62 24.33 -19.78
CAU 039 B . -10.49 -4.57 -22.98
OAT 039 B . -9.76 -3.33 -23.00
CAP 039 B . -10.52 -2.22 -23.15
CAQ 039 B . -11.87 -2.27 -23.48
CAR 039 B . -12.59 -1.09 -23.64
CAJ 039 B . -11.98 0.15 -23.46
CAI 039 B . -10.62 0.20 -23.13
CAH 039 B . -9.91 -0.99 -22.97
NAG 039 B . -8.56 -0.90 -22.65
CAF 039 B . -7.66 -1.03 -23.69
OAB 039 B . -8.09 -1.20 -24.82
CAE 039 B . -6.29 -0.93 -23.44
CAD 039 B . -5.31 -1.03 -24.45
CL 039 B . -5.67 -1.29 -26.14
CAC 039 B . -3.97 -0.93 -24.11
CAK 039 B . -3.58 -0.74 -22.80
CAL 039 B . -4.55 -0.62 -21.82
CAM 039 B . -5.90 -0.73 -22.11
NAN 039 B . -6.80 -0.63 -21.11
CAO 039 B . -8.12 -0.70 -21.32
CAS 039 B . -9.16 -0.62 -20.18
S6 039 B . -8.57 -0.30 -18.46
C6 039 B . -8.08 -1.75 -17.51
C5 039 B . -8.01 -3.03 -18.00
N7 039 B . -8.28 -3.55 -19.17
C8 039 B . -8.03 -4.87 -19.07
N9 039 B . -7.61 -5.18 -17.84
C4 039 B . -7.59 -4.06 -17.14
N3 039 B . -7.25 -3.80 -15.88
C2 039 B . -7.33 -2.56 -15.42
N1 039 B . -7.74 -1.58 -16.21
#